data_4OWU
#
_entry.id   4OWU
#
_cell.length_a   79.486
_cell.length_b   91.792
_cell.length_c   120.801
_cell.angle_alpha   90.000
_cell.angle_beta   90.000
_cell.angle_gamma   90.000
#
_symmetry.space_group_name_H-M   'P 21 21 21'
#
loop_
_entity.id
_entity.type
_entity.pdbx_description
1 polymer 'Anthranilate phosphoribosyltransferase'
2 non-polymer 'MAGNESIUM ION'
3 non-polymer 1-O-pyrophosphono-5-O-phosphono-alpha-D-ribofuranose
4 non-polymer '2-azanyl-5-methyl-benzoic acid'
5 non-polymer GLYCEROL
6 non-polymer IMIDAZOLE
7 water water
#
_entity_poly.entity_id   1
_entity_poly.type   'polypeptide(L)'
_entity_poly.pdbx_seq_one_letter_code
;MALSAEGSSGGSRGGSPKAEAASVPSWPQILGRLTDNRDLARGQAAWAMDQIMTGNARPAQIAAFAVAMTMKAPTADEVG
ELAGVMLSHAHPLPADTVPDDAVDVVGTGGDGVNTVNLSTMAAIVVAAAGVPVVKHGNRAASSLSGGADTLEALGVRIDL
GPDLVARSLAEVGIGFCFAPRFHPSYRHAAAVRREIGVPTVFNLLGPLTNPARPRAGLIGCAFADLAEVMAGVFAARRSS
VLVVHGDDGLDELTTTTTSTIWRVAAGSVDKLTFDPAGFGFARAQLDQLAGGDAQANAAAVRAVLGGARGPVRDAVVLNA
AGAIVAHAGLSSRAEWLPAWEEGLRRASAAIDTGAAEQLLARWVRFGRQILEHHHHHH
;
_entity_poly.pdbx_strand_id   A,B
#
# COMPACT_ATOMS: atom_id res chain seq x y z
N VAL A 24 -8.05 -0.55 21.29
CA VAL A 24 -7.05 0.53 21.18
C VAL A 24 -6.56 0.70 19.73
N PRO A 25 -7.43 1.25 18.83
CA PRO A 25 -7.06 1.27 17.40
C PRO A 25 -5.99 2.30 17.05
N SER A 26 -5.16 1.97 16.06
CA SER A 26 -4.15 2.88 15.57
C SER A 26 -3.76 2.48 14.17
N TRP A 27 -3.10 3.38 13.45
CA TRP A 27 -2.63 3.08 12.11
C TRP A 27 -1.61 1.95 12.06
N PRO A 28 -0.61 1.95 12.97
CA PRO A 28 0.35 0.84 12.92
C PRO A 28 -0.31 -0.54 13.14
N GLN A 29 -1.29 -0.57 14.04
CA GLN A 29 -2.02 -1.80 14.33
C GLN A 29 -2.83 -2.24 13.11
N ILE A 30 -3.59 -1.33 12.55
CA ILE A 30 -4.46 -1.66 11.43
C ILE A 30 -3.68 -1.94 10.13
N LEU A 31 -2.71 -1.09 9.83
CA LEU A 31 -1.88 -1.31 8.66
C LEU A 31 -1.04 -2.58 8.79
N GLY A 32 -0.52 -2.85 9.98
CA GLY A 32 0.21 -4.12 10.25
C GLY A 32 -0.60 -5.38 10.03
N ARG A 33 -1.86 -5.34 10.47
CA ARG A 33 -2.77 -6.45 10.26
C ARG A 33 -3.01 -6.68 8.75
N LEU A 34 -3.27 -5.61 8.01
CA LEU A 34 -3.46 -5.70 6.54
C LEU A 34 -2.20 -6.18 5.81
N THR A 35 -1.03 -5.66 6.17
CA THR A 35 0.20 -6.08 5.49
C THR A 35 0.54 -7.52 5.88
N ASP A 36 0.04 -7.99 7.02
CA ASP A 36 0.16 -9.40 7.39
C ASP A 36 -0.88 -10.27 6.66
N ASN A 37 -1.63 -9.67 5.74
CA ASN A 37 -2.66 -10.37 5.02
C ASN A 37 -3.81 -10.95 5.84
N ARG A 38 -4.21 -10.22 6.87
CA ARG A 38 -5.29 -10.64 7.73
C ARG A 38 -6.46 -9.73 7.57
N ASP A 39 -7.65 -10.31 7.64
CA ASP A 39 -8.87 -9.50 7.78
C ASP A 39 -8.82 -8.67 9.08
N LEU A 40 -9.44 -7.50 9.05
CA LEU A 40 -9.47 -6.64 10.21
C LEU A 40 -10.43 -7.16 11.27
N ALA A 41 -10.23 -6.72 12.51
CA ALA A 41 -11.24 -6.95 13.51
C ALA A 41 -12.45 -6.05 13.20
N ARG A 42 -13.63 -6.49 13.62
CA ARG A 42 -14.84 -5.69 13.47
C ARG A 42 -14.59 -4.31 14.09
N GLY A 43 -14.97 -3.27 13.35
CA GLY A 43 -14.83 -1.90 13.84
C GLY A 43 -13.54 -1.17 13.42
N GLN A 44 -12.52 -1.91 13.01
CA GLN A 44 -11.26 -1.28 12.64
C GLN A 44 -11.35 -0.51 11.33
N ALA A 45 -12.03 -1.07 10.34
CA ALA A 45 -12.23 -0.32 9.08
C ALA A 45 -13.04 0.95 9.33
N ALA A 46 -14.02 0.85 10.21
CA ALA A 46 -14.87 2.01 10.55
C ALA A 46 -14.04 3.10 11.23
N TRP A 47 -13.16 2.69 12.14
CA TRP A 47 -12.25 3.62 12.82
C TRP A 47 -11.42 4.32 11.78
N ALA A 48 -10.78 3.57 10.89
CA ALA A 48 -9.97 4.15 9.83
C ALA A 48 -10.73 5.12 8.96
N MET A 49 -11.91 4.73 8.50
CA MET A 49 -12.68 5.56 7.63
C MET A 49 -13.11 6.83 8.36
N ASP A 50 -13.40 6.75 9.65
CA ASP A 50 -13.81 7.96 10.36
C ASP A 50 -12.65 8.94 10.56
N GLN A 51 -11.47 8.42 10.84
CA GLN A 51 -10.25 9.26 10.83
C GLN A 51 -10.10 9.97 9.46
N ILE A 52 -10.30 9.22 8.37
CA ILE A 52 -10.20 9.78 7.02
C ILE A 52 -11.24 10.89 6.78
N MET A 53 -12.47 10.63 7.18
CA MET A 53 -13.60 11.53 6.90
C MET A 53 -13.63 12.76 7.82
N THR A 54 -12.93 12.71 8.94
CA THR A 54 -12.92 13.89 9.85
C THR A 54 -11.67 14.73 9.67
N GLY A 55 -10.85 14.43 8.68
CA GLY A 55 -9.63 15.23 8.45
C GLY A 55 -8.49 14.92 9.41
N ASN A 56 -8.58 13.78 10.09
CA ASN A 56 -7.59 13.39 11.09
C ASN A 56 -6.50 12.44 10.59
N ALA A 57 -6.65 11.91 9.37
CA ALA A 57 -5.66 11.04 8.78
C ALA A 57 -4.69 11.83 7.90
N ARG A 58 -3.39 11.60 8.06
CA ARG A 58 -2.42 12.18 7.14
C ARG A 58 -2.57 11.50 5.76
N PRO A 59 -2.32 12.24 4.68
CA PRO A 59 -2.36 11.63 3.35
C PRO A 59 -1.56 10.31 3.23
N ALA A 60 -0.38 10.22 3.87
CA ALA A 60 0.39 8.96 3.87
C ALA A 60 -0.43 7.82 4.48
N GLN A 61 -1.17 8.11 5.54
CA GLN A 61 -1.96 7.07 6.20
C GLN A 61 -3.15 6.65 5.35
N ILE A 62 -3.81 7.63 4.74
CA ILE A 62 -4.93 7.36 3.85
C ILE A 62 -4.49 6.43 2.71
N ALA A 63 -3.36 6.78 2.09
CA ALA A 63 -2.85 6.01 0.95
C ALA A 63 -2.46 4.59 1.38
N ALA A 64 -1.77 4.49 2.50
CA ALA A 64 -1.32 3.20 2.98
C ALA A 64 -2.49 2.30 3.27
N PHE A 65 -3.52 2.87 3.88
CA PHE A 65 -4.74 2.13 4.18
C PHE A 65 -5.44 1.65 2.91
N ALA A 66 -5.63 2.55 1.96
CA ALA A 66 -6.31 2.20 0.73
C ALA A 66 -5.58 1.08 -0.03
N VAL A 67 -4.26 1.18 -0.16
CA VAL A 67 -3.49 0.18 -0.89
C VAL A 67 -3.47 -1.14 -0.13
N ALA A 68 -3.21 -1.07 1.17
CA ALA A 68 -3.14 -2.29 1.98
C ALA A 68 -4.48 -3.05 1.98
N MET A 69 -5.58 -2.34 2.12
CA MET A 69 -6.90 -2.96 2.09
C MET A 69 -7.13 -3.65 0.71
N THR A 70 -6.69 -2.99 -0.36
CA THR A 70 -6.84 -3.51 -1.71
C THR A 70 -6.02 -4.78 -1.92
N MET A 71 -4.76 -4.78 -1.48
CA MET A 71 -3.92 -5.94 -1.68
C MET A 71 -4.24 -7.11 -0.73
N LYS A 72 -4.77 -6.83 0.45
CA LYS A 72 -5.24 -7.91 1.30
C LYS A 72 -6.48 -8.62 0.68
N ALA A 73 -7.34 -7.83 0.05
CA ALA A 73 -8.63 -8.24 -0.56
C ALA A 73 -9.69 -7.98 0.51
N PRO A 74 -10.44 -6.90 0.33
CA PRO A 74 -11.40 -6.50 1.36
C PRO A 74 -12.58 -7.45 1.42
N THR A 75 -13.17 -7.58 2.60
CA THR A 75 -14.36 -8.39 2.76
C THR A 75 -15.59 -7.50 2.70
N ALA A 76 -16.75 -8.12 2.51
CA ALA A 76 -18.00 -7.34 2.53
C ALA A 76 -18.22 -6.63 3.86
N ASP A 77 -17.86 -7.29 4.97
CA ASP A 77 -18.01 -6.63 6.27
C ASP A 77 -17.15 -5.35 6.34
N GLU A 78 -15.92 -5.43 5.85
CA GLU A 78 -15.03 -4.26 5.91
C GLU A 78 -15.54 -3.12 5.03
N VAL A 79 -15.95 -3.47 3.82
CA VAL A 79 -16.46 -2.46 2.87
C VAL A 79 -17.77 -1.84 3.38
N GLY A 80 -18.60 -2.67 4.01
CA GLY A 80 -19.80 -2.17 4.69
C GLY A 80 -19.51 -1.13 5.74
N GLU A 81 -18.44 -1.34 6.50
CA GLU A 81 -17.99 -0.33 7.48
C GLU A 81 -17.51 0.95 6.80
N LEU A 82 -16.70 0.81 5.76
CA LEU A 82 -16.25 1.99 5.01
C LEU A 82 -17.41 2.81 4.46
N ALA A 83 -18.31 2.14 3.76
CA ALA A 83 -19.44 2.83 3.16
C ALA A 83 -20.40 3.42 4.22
N GLY A 84 -20.62 2.68 5.29
CA GLY A 84 -21.52 3.11 6.34
C GLY A 84 -21.00 4.36 7.04
N VAL A 85 -19.70 4.41 7.30
CA VAL A 85 -19.09 5.61 7.87
C VAL A 85 -19.19 6.79 6.89
N MET A 86 -18.88 6.53 5.62
CA MET A 86 -18.95 7.58 4.63
C MET A 86 -20.39 8.12 4.56
N LEU A 87 -21.37 7.24 4.49
CA LEU A 87 -22.77 7.71 4.55
C LEU A 87 -23.11 8.53 5.79
N SER A 88 -22.55 8.19 6.96
CA SER A 88 -22.84 8.96 8.18
C SER A 88 -22.43 10.42 8.04
N HIS A 89 -21.47 10.71 7.17
CA HIS A 89 -21.01 12.10 7.01
C HIS A 89 -21.65 12.83 5.81
N ALA A 90 -22.48 12.15 5.04
CA ALA A 90 -23.06 12.72 3.81
C ALA A 90 -24.24 13.63 4.14
N HIS A 91 -24.53 14.56 3.24
CA HIS A 91 -25.78 15.31 3.31
C HIS A 91 -26.92 14.40 2.89
N PRO A 92 -27.92 14.21 3.76
CA PRO A 92 -29.07 13.40 3.36
C PRO A 92 -30.04 14.24 2.53
N LEU A 93 -30.97 13.58 1.83
CA LEU A 93 -32.11 14.30 1.27
C LEU A 93 -33.12 14.60 2.39
N PRO A 94 -34.01 15.57 2.18
CA PRO A 94 -34.98 15.87 3.24
C PRO A 94 -35.89 14.66 3.54
N ALA A 95 -36.42 14.60 4.75
CA ALA A 95 -37.29 13.48 5.16
C ALA A 95 -38.45 13.32 4.19
N ASP A 96 -38.80 12.06 3.91
CA ASP A 96 -39.96 11.71 3.07
C ASP A 96 -39.97 12.32 1.67
N THR A 97 -38.79 12.46 1.06
CA THR A 97 -38.73 12.96 -0.33
C THR A 97 -38.27 11.92 -1.33
N VAL A 98 -37.79 10.77 -0.86
CA VAL A 98 -37.35 9.72 -1.78
C VAL A 98 -38.38 8.60 -1.74
N PRO A 99 -38.96 8.27 -2.89
CA PRO A 99 -39.92 7.17 -2.87
C PRO A 99 -39.28 5.87 -2.40
N ASP A 100 -40.06 5.04 -1.72
CA ASP A 100 -39.59 3.74 -1.25
C ASP A 100 -39.03 2.84 -2.35
N ASP A 101 -39.44 3.07 -3.59
CA ASP A 101 -39.05 2.23 -4.69
C ASP A 101 -38.11 2.96 -5.66
N ALA A 102 -37.42 4.00 -5.22
CA ALA A 102 -36.45 4.67 -6.09
C ALA A 102 -35.28 3.73 -6.42
N VAL A 103 -34.74 3.89 -7.64
CA VAL A 103 -33.64 3.06 -8.14
C VAL A 103 -32.43 3.92 -8.53
N ASP A 104 -31.24 3.32 -8.40
CA ASP A 104 -30.01 3.92 -8.90
C ASP A 104 -29.51 3.08 -10.07
N VAL A 105 -28.73 3.71 -10.94
CA VAL A 105 -28.03 3.02 -12.03
C VAL A 105 -26.65 3.68 -12.07
N VAL A 106 -25.63 2.94 -11.65
CA VAL A 106 -24.32 3.54 -11.44
C VAL A 106 -23.29 2.43 -11.32
N GLY A 107 -22.07 2.73 -11.75
CA GLY A 107 -20.99 1.78 -11.59
C GLY A 107 -19.72 2.38 -11.02
N THR A 108 -18.78 1.49 -10.74
CA THR A 108 -17.46 1.90 -10.27
C THR A 108 -16.69 2.73 -11.28
N GLY A 109 -17.01 2.58 -12.57
CA GLY A 109 -16.11 3.06 -13.63
C GLY A 109 -14.84 2.22 -13.60
N GLY A 110 -13.78 2.73 -14.22
CA GLY A 110 -12.47 2.08 -14.16
C GLY A 110 -12.38 0.86 -15.04
N ASP A 111 -13.32 0.68 -15.96
CA ASP A 111 -13.27 -0.50 -16.82
C ASP A 111 -12.23 -0.38 -17.93
N GLY A 112 -11.74 0.85 -18.17
CA GLY A 112 -10.64 1.09 -19.09
C GLY A 112 -11.05 1.03 -20.55
N VAL A 113 -12.35 0.93 -20.80
CA VAL A 113 -12.82 0.65 -22.16
C VAL A 113 -13.30 1.90 -22.92
N ASN A 114 -13.49 3.02 -22.24
CA ASN A 114 -14.00 4.21 -22.93
C ASN A 114 -15.23 3.93 -23.81
N THR A 115 -16.36 3.83 -23.15
CA THR A 115 -17.63 3.65 -23.82
C THR A 115 -18.42 4.94 -23.74
N VAL A 116 -19.54 4.95 -24.45
CA VAL A 116 -20.57 5.94 -24.20
C VAL A 116 -21.07 5.73 -22.77
N ASN A 117 -21.87 6.67 -22.27
CA ASN A 117 -22.33 6.67 -20.88
C ASN A 117 -23.59 5.79 -20.73
N LEU A 118 -23.38 4.49 -20.60
CA LEU A 118 -24.48 3.54 -20.62
C LEU A 118 -25.37 3.67 -19.41
N SER A 119 -24.79 3.94 -18.24
CA SER A 119 -25.60 3.98 -17.00
C SER A 119 -26.51 5.20 -17.04
N THR A 120 -25.95 6.31 -17.46
CA THR A 120 -26.67 7.59 -17.53
C THR A 120 -27.85 7.54 -18.52
N MET A 121 -27.61 7.01 -19.70
CA MET A 121 -28.66 6.78 -20.69
C MET A 121 -29.75 5.81 -20.17
N ALA A 122 -29.34 4.67 -19.61
CA ALA A 122 -30.29 3.74 -18.99
C ALA A 122 -31.14 4.42 -17.92
N ALA A 123 -30.54 5.27 -17.09
CA ALA A 123 -31.26 5.96 -16.03
C ALA A 123 -32.38 6.85 -16.54
N ILE A 124 -32.10 7.63 -17.58
CA ILE A 124 -33.12 8.44 -18.22
C ILE A 124 -34.26 7.56 -18.74
N VAL A 125 -33.91 6.44 -19.40
CA VAL A 125 -34.90 5.51 -19.96
C VAL A 125 -35.77 4.88 -18.86
N VAL A 126 -35.14 4.44 -17.79
CA VAL A 126 -35.86 3.90 -16.65
C VAL A 126 -36.84 4.93 -16.06
N ALA A 127 -36.38 6.16 -15.83
CA ALA A 127 -37.28 7.21 -15.32
C ALA A 127 -38.47 7.44 -16.29
N ALA A 128 -38.18 7.41 -17.60
CA ALA A 128 -39.20 7.60 -18.65
C ALA A 128 -40.22 6.46 -18.68
N ALA A 129 -39.81 5.28 -18.19
CA ALA A 129 -40.69 4.14 -18.04
C ALA A 129 -41.59 4.23 -16.79
N GLY A 130 -41.36 5.24 -15.97
CA GLY A 130 -42.22 5.54 -14.83
C GLY A 130 -41.62 5.06 -13.51
N VAL A 131 -40.36 4.64 -13.51
CA VAL A 131 -39.69 4.21 -12.28
C VAL A 131 -38.91 5.40 -11.69
N PRO A 132 -39.09 5.69 -10.39
CA PRO A 132 -38.35 6.86 -9.88
C PRO A 132 -36.87 6.57 -9.84
N VAL A 133 -36.05 7.50 -10.29
CA VAL A 133 -34.62 7.30 -10.34
C VAL A 133 -33.92 8.39 -9.54
N VAL A 134 -33.06 7.98 -8.61
CA VAL A 134 -32.16 8.93 -7.97
C VAL A 134 -30.74 8.46 -8.23
N LYS A 135 -30.09 9.17 -9.14
CA LYS A 135 -28.82 8.75 -9.60
C LYS A 135 -27.70 9.46 -8.88
N HIS A 136 -26.73 8.65 -8.49
CA HIS A 136 -25.50 9.10 -7.90
C HIS A 136 -24.54 9.05 -9.06
N GLY A 137 -23.61 9.99 -9.06
CA GLY A 137 -22.69 10.09 -10.17
C GLY A 137 -21.59 11.09 -9.90
N ASN A 138 -20.70 11.17 -10.85
CA ASN A 138 -19.51 11.99 -10.69
C ASN A 138 -18.92 12.18 -12.08
N ARG A 139 -18.00 13.11 -12.17
CA ARG A 139 -17.24 13.33 -13.40
C ARG A 139 -16.34 12.13 -13.78
N ALA A 140 -15.67 12.26 -14.92
CA ALA A 140 -14.75 11.22 -15.38
C ALA A 140 -13.59 11.13 -14.39
N ALA A 141 -13.09 9.92 -14.15
CA ALA A 141 -11.84 9.72 -13.43
C ALA A 141 -10.74 9.40 -14.42
N SER A 142 -10.97 8.43 -15.30
CA SER A 142 -9.98 8.09 -16.33
C SER A 142 -10.53 7.99 -17.76
N SER A 143 -11.86 7.96 -17.93
CA SER A 143 -12.48 8.05 -19.26
C SER A 143 -12.52 9.51 -19.76
N LEU A 144 -12.95 9.68 -21.01
CA LEU A 144 -12.98 11.00 -21.62
C LEU A 144 -14.17 11.84 -21.14
N SER A 145 -15.30 11.19 -20.82
CA SER A 145 -16.46 11.88 -20.26
C SER A 145 -17.25 10.95 -19.34
N GLY A 146 -17.38 11.37 -18.09
CA GLY A 146 -18.14 10.63 -17.09
C GLY A 146 -19.61 11.00 -17.19
N GLY A 147 -20.45 10.30 -16.43
CA GLY A 147 -21.90 10.51 -16.51
C GLY A 147 -22.27 11.95 -16.20
N ALA A 148 -21.61 12.53 -15.21
CA ALA A 148 -21.87 13.93 -14.84
C ALA A 148 -21.46 14.93 -15.92
N ASP A 149 -20.32 14.69 -16.54
CA ASP A 149 -19.85 15.55 -17.63
C ASP A 149 -20.84 15.55 -18.78
N THR A 150 -21.34 14.37 -19.11
CA THR A 150 -22.28 14.22 -20.22
C THR A 150 -23.63 14.86 -19.89
N LEU A 151 -24.13 14.69 -18.67
CA LEU A 151 -25.36 15.35 -18.23
C LEU A 151 -25.22 16.88 -18.31
N GLU A 152 -24.08 17.38 -17.87
CA GLU A 152 -23.80 18.80 -17.96
C GLU A 152 -23.81 19.29 -19.43
N ALA A 153 -23.21 18.52 -20.33
CA ALA A 153 -23.19 18.88 -21.76
C ALA A 153 -24.58 18.85 -22.39
N LEU A 154 -25.47 18.04 -21.82
CA LEU A 154 -26.87 17.98 -22.25
C LEU A 154 -27.70 19.15 -21.71
N GLY A 155 -27.16 19.92 -20.78
CA GLY A 155 -27.91 21.04 -20.17
C GLY A 155 -28.58 20.72 -18.84
N VAL A 156 -28.38 19.51 -18.33
CA VAL A 156 -28.91 19.10 -17.02
C VAL A 156 -28.04 19.71 -15.91
N ARG A 157 -28.69 20.20 -14.86
CA ARG A 157 -27.96 20.82 -13.74
C ARG A 157 -27.48 19.73 -12.84
N ILE A 158 -26.17 19.57 -12.70
CA ILE A 158 -25.64 18.45 -11.93
C ILE A 158 -25.37 18.82 -10.48
N ASP A 159 -25.36 20.12 -10.21
CA ASP A 159 -24.89 20.76 -8.97
C ASP A 159 -25.99 21.14 -7.97
N LEU A 160 -27.08 20.41 -7.93
CA LEU A 160 -28.16 20.80 -7.05
C LEU A 160 -28.01 20.19 -5.65
N GLY A 161 -28.44 20.95 -4.67
CA GLY A 161 -28.41 20.51 -3.28
C GLY A 161 -29.57 19.59 -2.96
N PRO A 162 -29.56 19.05 -1.74
CA PRO A 162 -30.59 18.12 -1.28
C PRO A 162 -32.03 18.54 -1.60
N ASP A 163 -32.40 19.76 -1.26
CA ASP A 163 -33.78 20.20 -1.47
C ASP A 163 -34.17 20.22 -2.95
N LEU A 164 -33.28 20.68 -3.80
CA LEU A 164 -33.61 20.75 -5.23
C LEU A 164 -33.51 19.39 -5.90
N VAL A 165 -32.66 18.49 -5.40
CA VAL A 165 -32.69 17.13 -5.94
C VAL A 165 -34.04 16.49 -5.58
N ALA A 166 -34.51 16.72 -4.36
CA ALA A 166 -35.82 16.20 -3.97
C ALA A 166 -36.94 16.78 -4.85
N ARG A 167 -36.86 18.08 -5.15
CA ARG A 167 -37.84 18.70 -6.06
C ARG A 167 -37.76 18.12 -7.48
N SER A 168 -36.55 17.94 -8.00
CA SER A 168 -36.34 17.29 -9.30
C SER A 168 -37.03 15.93 -9.36
N LEU A 169 -36.83 15.14 -8.32
CA LEU A 169 -37.42 13.81 -8.23
C LEU A 169 -38.96 13.87 -8.22
N ALA A 170 -39.49 14.81 -7.47
CA ALA A 170 -40.94 14.95 -7.36
C ALA A 170 -41.52 15.48 -8.66
N GLU A 171 -40.83 16.41 -9.30
CA GLU A 171 -41.40 17.09 -10.47
C GLU A 171 -41.06 16.43 -11.81
N VAL A 172 -39.90 15.79 -11.89
CA VAL A 172 -39.44 15.18 -13.14
C VAL A 172 -39.36 13.64 -13.11
N GLY A 173 -39.29 13.06 -11.92
CA GLY A 173 -39.17 11.61 -11.76
C GLY A 173 -37.74 11.11 -11.77
N ILE A 174 -36.77 12.03 -11.77
CA ILE A 174 -35.37 11.71 -11.74
C ILE A 174 -34.65 12.84 -11.03
N GLY A 175 -33.64 12.47 -10.26
CA GLY A 175 -32.73 13.42 -9.63
C GLY A 175 -31.31 12.91 -9.73
N PHE A 176 -30.36 13.82 -9.70
CA PHE A 176 -28.93 13.54 -9.76
C PHE A 176 -28.21 14.13 -8.57
N CYS A 177 -27.58 13.24 -7.79
CA CYS A 177 -26.77 13.60 -6.63
C CYS A 177 -25.29 13.56 -7.03
N PHE A 178 -24.71 14.74 -7.15
CA PHE A 178 -23.32 14.92 -7.56
C PHE A 178 -22.45 14.67 -6.34
N ALA A 179 -21.62 13.63 -6.44
CA ALA A 179 -20.90 13.11 -5.26
C ALA A 179 -20.16 14.20 -4.46
N PRO A 180 -19.39 15.06 -5.14
CA PRO A 180 -18.69 16.08 -4.35
C PRO A 180 -19.59 17.05 -3.58
N ARG A 181 -20.78 17.32 -4.08
CA ARG A 181 -21.72 18.17 -3.36
C ARG A 181 -22.29 17.46 -2.11
N PHE A 182 -22.51 16.16 -2.18
CA PHE A 182 -23.14 15.41 -1.07
C PHE A 182 -22.18 14.79 -0.05
N HIS A 183 -20.90 14.68 -0.45
CA HIS A 183 -19.87 14.04 0.36
C HIS A 183 -18.65 14.96 0.53
N PRO A 184 -18.86 16.18 1.07
CA PRO A 184 -17.74 17.12 1.22
C PRO A 184 -16.60 16.59 2.11
N SER A 185 -16.93 15.74 3.10
CA SER A 185 -15.91 15.26 4.03
C SER A 185 -15.01 14.19 3.44
N TYR A 186 -15.36 13.72 2.24
CA TYR A 186 -14.56 12.74 1.49
C TYR A 186 -13.39 13.38 0.76
N ARG A 187 -13.25 14.69 0.87
CA ARG A 187 -12.26 15.43 0.07
C ARG A 187 -10.83 14.98 0.27
N HIS A 188 -10.49 14.56 1.50
CA HIS A 188 -9.13 14.08 1.78
C HIS A 188 -8.85 12.77 1.06
N ALA A 189 -9.80 11.85 1.13
CA ALA A 189 -9.72 10.57 0.41
C ALA A 189 -9.65 10.79 -1.10
N ALA A 190 -10.48 11.71 -1.60
CA ALA A 190 -10.55 11.98 -3.05
C ALA A 190 -9.21 12.48 -3.59
N ALA A 191 -8.58 13.39 -2.87
CA ALA A 191 -7.30 13.93 -3.28
C ALA A 191 -6.23 12.82 -3.34
N VAL A 192 -6.24 11.93 -2.35
CA VAL A 192 -5.29 10.81 -2.31
C VAL A 192 -5.54 9.88 -3.49
N ARG A 193 -6.81 9.57 -3.77
CA ARG A 193 -7.16 8.75 -4.90
C ARG A 193 -6.56 9.35 -6.18
N ARG A 194 -6.65 10.67 -6.34
CA ARG A 194 -6.09 11.34 -7.53
C ARG A 194 -4.56 11.32 -7.57
N GLU A 195 -3.93 11.50 -6.41
CA GLU A 195 -2.46 11.51 -6.34
C GLU A 195 -1.86 10.16 -6.68
N ILE A 196 -2.47 9.08 -6.22
CA ILE A 196 -1.87 7.76 -6.43
C ILE A 196 -2.35 7.10 -7.75
N GLY A 197 -3.55 7.47 -8.20
CA GLY A 197 -4.10 7.01 -9.51
C GLY A 197 -4.59 5.56 -9.58
N VAL A 198 -3.83 4.66 -8.98
CA VAL A 198 -4.18 3.25 -8.97
C VAL A 198 -5.57 3.00 -8.34
N PRO A 199 -6.39 2.15 -8.96
CA PRO A 199 -7.66 1.82 -8.31
C PRO A 199 -7.44 1.12 -6.97
N THR A 200 -8.29 1.44 -6.00
CA THR A 200 -8.23 0.84 -4.69
C THR A 200 -9.64 0.45 -4.26
N VAL A 201 -9.75 -0.07 -3.05
CA VAL A 201 -11.05 -0.27 -2.43
C VAL A 201 -11.94 0.99 -2.42
N PHE A 202 -11.36 2.18 -2.39
CA PHE A 202 -12.15 3.42 -2.43
C PHE A 202 -12.99 3.53 -3.72
N ASN A 203 -12.52 2.93 -4.81
CA ASN A 203 -13.27 2.98 -6.09
C ASN A 203 -14.60 2.24 -6.02
N LEU A 204 -14.77 1.39 -5.01
CA LEU A 204 -16.02 0.68 -4.77
C LEU A 204 -17.08 1.54 -4.11
N LEU A 205 -16.67 2.65 -3.48
CA LEU A 205 -17.57 3.31 -2.52
C LEU A 205 -18.65 4.19 -3.14
N GLY A 206 -18.37 4.81 -4.29
CA GLY A 206 -19.38 5.65 -4.96
C GLY A 206 -20.73 4.98 -5.10
N PRO A 207 -20.76 3.79 -5.74
CA PRO A 207 -22.02 3.08 -5.89
C PRO A 207 -22.65 2.65 -4.58
N LEU A 208 -21.86 2.53 -3.51
CA LEU A 208 -22.40 2.11 -2.21
C LEU A 208 -22.84 3.25 -1.32
N THR A 209 -22.64 4.49 -1.74
CA THR A 209 -22.89 5.67 -0.90
C THR A 209 -23.81 6.73 -1.52
N ASN A 210 -24.75 6.30 -2.35
CA ASN A 210 -25.77 7.23 -2.84
C ASN A 210 -26.46 7.85 -1.63
N PRO A 211 -26.43 9.19 -1.49
CA PRO A 211 -26.92 9.83 -0.27
C PRO A 211 -28.43 9.78 -0.12
N ALA A 212 -29.17 9.49 -1.20
CA ALA A 212 -30.61 9.30 -1.14
C ALA A 212 -30.99 7.90 -0.66
N ARG A 213 -30.00 7.02 -0.55
CA ARG A 213 -30.18 5.63 -0.09
C ARG A 213 -31.34 4.89 -0.75
N PRO A 214 -31.40 4.92 -2.09
CA PRO A 214 -32.44 4.12 -2.74
C PRO A 214 -32.24 2.61 -2.45
N ARG A 215 -33.35 1.90 -2.40
CA ARG A 215 -33.35 0.49 -2.02
C ARG A 215 -33.20 -0.43 -3.22
N ALA A 216 -33.23 0.09 -4.44
CA ALA A 216 -33.01 -0.74 -5.62
C ALA A 216 -31.92 -0.17 -6.50
N GLY A 217 -31.29 -1.02 -7.26
CA GLY A 217 -30.25 -0.52 -8.15
C GLY A 217 -29.70 -1.53 -9.13
N LEU A 218 -29.16 -1.02 -10.24
CA LEU A 218 -28.36 -1.79 -11.17
C LEU A 218 -26.95 -1.21 -10.98
N ILE A 219 -26.05 -2.00 -10.40
CA ILE A 219 -24.76 -1.48 -9.93
C ILE A 219 -23.63 -2.19 -10.67
N GLY A 220 -22.88 -1.43 -11.48
CA GLY A 220 -21.81 -1.99 -12.28
C GLY A 220 -20.49 -2.10 -11.51
N CYS A 221 -19.76 -3.19 -11.71
CA CYS A 221 -18.45 -3.36 -11.10
C CYS A 221 -17.43 -3.81 -12.15
N ALA A 222 -16.40 -3.00 -12.33
CA ALA A 222 -15.35 -3.26 -13.30
C ALA A 222 -14.40 -4.34 -12.82
N PHE A 223 -14.38 -4.58 -11.51
CA PHE A 223 -13.37 -5.43 -10.88
C PHE A 223 -14.06 -6.75 -10.52
N ALA A 224 -13.84 -7.74 -11.39
CA ALA A 224 -14.55 -9.05 -11.33
C ALA A 224 -14.56 -9.68 -9.92
N ASP A 225 -13.43 -9.60 -9.24
CA ASP A 225 -13.25 -10.24 -7.94
C ASP A 225 -13.81 -9.44 -6.76
N LEU A 226 -14.30 -8.22 -7.02
CA LEU A 226 -14.90 -7.39 -5.97
C LEU A 226 -16.41 -7.20 -6.14
N ALA A 227 -16.97 -7.61 -7.28
CA ALA A 227 -18.40 -7.57 -7.49
C ALA A 227 -19.13 -8.32 -6.38
N GLU A 228 -18.61 -9.48 -6.00
CA GLU A 228 -19.27 -10.29 -4.98
C GLU A 228 -19.27 -9.55 -3.65
N VAL A 229 -18.20 -8.83 -3.38
CA VAL A 229 -18.07 -8.07 -2.14
C VAL A 229 -19.11 -6.94 -2.12
N MET A 230 -19.24 -6.23 -3.24
CA MET A 230 -20.27 -5.20 -3.35
C MET A 230 -21.67 -5.81 -3.14
N ALA A 231 -21.91 -6.99 -3.70
CA ALA A 231 -23.21 -7.63 -3.52
C ALA A 231 -23.43 -7.93 -2.05
N GLY A 232 -22.37 -8.34 -1.36
CA GLY A 232 -22.44 -8.62 0.07
C GLY A 232 -22.87 -7.43 0.89
N VAL A 233 -22.33 -6.26 0.53
CA VAL A 233 -22.69 -5.02 1.19
C VAL A 233 -24.16 -4.72 1.01
N PHE A 234 -24.63 -4.79 -0.23
CA PHE A 234 -26.06 -4.60 -0.50
C PHE A 234 -26.95 -5.63 0.20
N ALA A 235 -26.48 -6.86 0.37
CA ALA A 235 -27.30 -7.90 1.00
C ALA A 235 -27.62 -7.54 2.46
N ALA A 236 -26.69 -6.86 3.13
CA ALA A 236 -26.89 -6.44 4.51
C ALA A 236 -27.79 -5.21 4.65
N ARG A 237 -28.24 -4.66 3.51
CA ARG A 237 -29.15 -3.54 3.51
C ARG A 237 -30.53 -4.03 3.09
N ARG A 238 -31.52 -3.19 3.25
CA ARG A 238 -32.86 -3.61 2.84
C ARG A 238 -32.95 -3.35 1.32
N SER A 239 -32.37 -4.21 0.47
CA SER A 239 -32.15 -3.81 -0.96
C SER A 239 -32.49 -4.90 -1.98
N SER A 240 -32.92 -4.47 -3.17
CA SER A 240 -33.06 -5.31 -4.36
C SER A 240 -32.12 -4.77 -5.42
N VAL A 241 -31.03 -5.48 -5.65
CA VAL A 241 -29.97 -4.97 -6.49
C VAL A 241 -29.47 -6.07 -7.45
N LEU A 242 -29.16 -5.69 -8.68
CA LEU A 242 -28.33 -6.50 -9.56
C LEU A 242 -26.95 -5.87 -9.62
N VAL A 243 -25.95 -6.59 -9.10
CA VAL A 243 -24.57 -6.19 -9.26
C VAL A 243 -24.06 -6.92 -10.52
N VAL A 244 -23.50 -6.17 -11.45
CA VAL A 244 -23.20 -6.71 -12.76
C VAL A 244 -21.77 -6.43 -13.18
N HIS A 245 -21.21 -7.42 -13.84
CA HIS A 245 -19.90 -7.34 -14.45
C HIS A 245 -19.97 -8.07 -15.79
N GLY A 246 -19.71 -7.35 -16.87
CA GLY A 246 -19.65 -7.96 -18.20
C GLY A 246 -18.40 -8.83 -18.26
N ASP A 247 -18.50 -9.99 -18.89
CA ASP A 247 -17.36 -10.90 -18.99
C ASP A 247 -16.33 -10.40 -20.00
N ASP A 248 -16.62 -9.26 -20.63
CA ASP A 248 -15.64 -8.49 -21.42
C ASP A 248 -14.95 -7.37 -20.63
N GLY A 249 -15.26 -7.26 -19.32
CA GLY A 249 -14.66 -6.24 -18.45
C GLY A 249 -15.53 -5.02 -18.15
N LEU A 250 -16.67 -4.85 -18.84
CA LEU A 250 -17.46 -3.62 -18.65
C LEU A 250 -18.10 -3.60 -17.28
N ASP A 251 -18.18 -2.43 -16.68
CA ASP A 251 -18.97 -2.22 -15.47
C ASP A 251 -20.47 -1.93 -15.79
N GLU A 252 -21.00 -2.74 -16.69
CA GLU A 252 -22.39 -2.62 -17.19
C GLU A 252 -22.78 -3.99 -17.70
N LEU A 253 -24.07 -4.22 -17.93
CA LEU A 253 -24.47 -5.41 -18.69
C LEU A 253 -23.99 -5.20 -20.12
N THR A 254 -23.27 -6.19 -20.66
CA THR A 254 -22.69 -6.02 -21.99
C THR A 254 -23.51 -6.74 -23.05
N THR A 255 -23.39 -6.25 -24.28
CA THR A 255 -23.92 -6.93 -25.46
C THR A 255 -22.87 -7.73 -26.28
N THR A 256 -21.60 -7.73 -25.84
CA THR A 256 -20.54 -8.42 -26.60
C THR A 256 -20.34 -9.89 -26.21
N THR A 257 -20.84 -10.26 -25.04
CA THR A 257 -20.71 -11.61 -24.52
C THR A 257 -21.66 -11.74 -23.33
N THR A 258 -21.46 -12.75 -22.51
CA THR A 258 -22.22 -12.93 -21.28
C THR A 258 -21.78 -11.90 -20.22
N SER A 259 -22.57 -11.83 -19.15
CA SER A 259 -22.25 -11.03 -17.98
C SER A 259 -22.49 -11.91 -16.77
N THR A 260 -21.76 -11.62 -15.69
CA THR A 260 -22.06 -12.23 -14.42
C THR A 260 -22.91 -11.27 -13.62
N ILE A 261 -23.98 -11.79 -13.03
CA ILE A 261 -24.87 -10.98 -12.21
C ILE A 261 -24.96 -11.60 -10.83
N TRP A 262 -24.78 -10.78 -9.80
CA TRP A 262 -25.06 -11.16 -8.44
C TRP A 262 -26.37 -10.50 -8.09
N ARG A 263 -27.45 -11.29 -8.04
CA ARG A 263 -28.76 -10.79 -7.66
C ARG A 263 -28.81 -10.73 -6.17
N VAL A 264 -29.25 -9.60 -5.63
CA VAL A 264 -29.35 -9.39 -4.21
C VAL A 264 -30.79 -9.05 -3.85
N ALA A 265 -31.33 -9.79 -2.89
CA ALA A 265 -32.67 -9.55 -2.36
C ALA A 265 -32.87 -10.34 -1.08
N ALA A 266 -33.71 -9.80 -0.20
CA ALA A 266 -34.06 -10.46 1.06
C ALA A 266 -32.83 -10.87 1.89
N GLY A 267 -31.76 -10.10 1.81
CA GLY A 267 -30.56 -10.41 2.55
C GLY A 267 -29.71 -11.55 2.00
N SER A 268 -30.01 -12.02 0.79
CA SER A 268 -29.18 -13.07 0.18
C SER A 268 -28.77 -12.74 -1.26
N VAL A 269 -27.85 -13.54 -1.78
CA VAL A 269 -27.23 -13.33 -3.08
C VAL A 269 -27.42 -14.58 -3.95
N ASP A 270 -27.70 -14.39 -5.23
CA ASP A 270 -27.89 -15.49 -6.21
C ASP A 270 -27.02 -15.11 -7.40
N LYS A 271 -25.85 -15.76 -7.51
CA LYS A 271 -24.92 -15.50 -8.60
C LYS A 271 -25.32 -16.29 -9.83
N LEU A 272 -25.30 -15.66 -10.98
CA LEU A 272 -25.64 -16.37 -12.21
C LEU A 272 -24.93 -15.79 -13.43
N THR A 273 -24.86 -16.61 -14.48
CA THR A 273 -24.38 -16.19 -15.77
C THR A 273 -25.58 -15.86 -16.63
N PHE A 274 -25.52 -14.68 -17.25
CA PHE A 274 -26.62 -14.06 -17.98
C PHE A 274 -26.16 -13.91 -19.42
N ASP A 275 -27.05 -14.25 -20.35
CA ASP A 275 -26.72 -14.16 -21.75
C ASP A 275 -27.82 -13.45 -22.50
N PRO A 276 -27.53 -12.26 -23.02
CA PRO A 276 -28.58 -11.50 -23.68
C PRO A 276 -29.07 -12.11 -25.01
N ALA A 277 -28.33 -13.08 -25.56
CA ALA A 277 -28.75 -13.74 -26.77
C ALA A 277 -30.06 -14.46 -26.51
N GLY A 278 -30.29 -14.86 -25.26
CA GLY A 278 -31.57 -15.43 -24.86
C GLY A 278 -32.76 -14.53 -25.11
N PHE A 279 -32.54 -13.22 -25.18
CA PHE A 279 -33.61 -12.27 -25.45
C PHE A 279 -33.56 -11.74 -26.88
N GLY A 280 -32.73 -12.35 -27.72
CA GLY A 280 -32.67 -12.00 -29.15
C GLY A 280 -31.70 -10.90 -29.48
N PHE A 281 -30.82 -10.54 -28.55
CA PHE A 281 -29.82 -9.51 -28.83
C PHE A 281 -28.67 -10.05 -29.63
N ALA A 282 -28.35 -9.39 -30.73
CA ALA A 282 -27.18 -9.74 -31.51
C ALA A 282 -25.92 -9.42 -30.71
N ARG A 283 -24.89 -10.23 -30.89
CA ARG A 283 -23.59 -10.00 -30.30
C ARG A 283 -22.95 -8.78 -30.95
N ALA A 284 -22.50 -7.81 -30.13
CA ALA A 284 -21.86 -6.58 -30.63
C ALA A 284 -20.35 -6.63 -30.38
N GLN A 285 -19.62 -5.68 -30.96
CA GLN A 285 -18.18 -5.51 -30.72
C GLN A 285 -17.95 -4.33 -29.79
N LEU A 286 -16.96 -4.43 -28.91
CA LEU A 286 -16.65 -3.31 -28.00
C LEU A 286 -16.49 -1.96 -28.69
N ASP A 287 -15.82 -1.93 -29.84
CA ASP A 287 -15.61 -0.66 -30.56
C ASP A 287 -16.91 0.03 -30.98
N GLN A 288 -17.99 -0.75 -31.14
CA GLN A 288 -19.28 -0.20 -31.51
C GLN A 288 -19.91 0.63 -30.37
N LEU A 289 -19.43 0.42 -29.15
CA LEU A 289 -19.91 1.13 -27.97
C LEU A 289 -18.95 2.23 -27.54
N ALA A 290 -17.91 2.48 -28.35
CA ALA A 290 -16.89 3.48 -28.04
C ALA A 290 -17.47 4.87 -27.86
N GLY A 291 -16.96 5.62 -26.88
CA GLY A 291 -17.38 7.02 -26.68
C GLY A 291 -16.27 8.01 -26.99
N GLY A 292 -16.56 9.28 -26.76
CA GLY A 292 -15.57 10.34 -26.96
C GLY A 292 -15.67 11.34 -25.84
N ASP A 293 -15.56 12.62 -26.16
CA ASP A 293 -15.66 13.66 -25.13
C ASP A 293 -17.12 13.92 -24.78
N ALA A 294 -17.34 14.89 -23.88
CA ALA A 294 -18.67 15.19 -23.38
C ALA A 294 -19.64 15.51 -24.52
N GLN A 295 -19.21 16.32 -25.48
CA GLN A 295 -20.05 16.67 -26.62
C GLN A 295 -20.36 15.46 -27.48
N ALA A 296 -19.37 14.64 -27.74
CA ALA A 296 -19.60 13.40 -28.49
C ALA A 296 -20.57 12.46 -27.74
N ASN A 297 -20.36 12.26 -26.45
CA ASN A 297 -21.24 11.39 -25.68
C ASN A 297 -22.66 11.97 -25.51
N ALA A 298 -22.77 13.28 -25.42
CA ALA A 298 -24.07 13.93 -25.38
C ALA A 298 -24.85 13.72 -26.69
N ALA A 299 -24.14 13.82 -27.81
CA ALA A 299 -24.72 13.50 -29.11
C ALA A 299 -25.23 12.07 -29.16
N ALA A 300 -24.49 11.15 -28.56
CA ALA A 300 -24.90 9.74 -28.56
C ALA A 300 -26.17 9.56 -27.73
N VAL A 301 -26.29 10.29 -26.61
CA VAL A 301 -27.53 10.27 -25.85
C VAL A 301 -28.72 10.74 -26.73
N ARG A 302 -28.57 11.89 -27.36
CA ARG A 302 -29.65 12.45 -28.15
C ARG A 302 -30.01 11.49 -29.31
N ALA A 303 -29.03 10.84 -29.90
CA ALA A 303 -29.29 9.89 -30.98
C ALA A 303 -30.13 8.72 -30.50
N VAL A 304 -29.73 8.13 -29.37
CA VAL A 304 -30.46 6.99 -28.80
C VAL A 304 -31.88 7.42 -28.42
N LEU A 305 -32.02 8.52 -27.70
CA LEU A 305 -33.34 8.97 -27.26
C LEU A 305 -34.24 9.38 -28.43
N GLY A 306 -33.64 9.72 -29.57
CA GLY A 306 -34.39 10.03 -30.79
C GLY A 306 -34.78 8.80 -31.59
N GLY A 307 -34.38 7.61 -31.15
CA GLY A 307 -34.81 6.35 -31.78
C GLY A 307 -33.80 5.68 -32.70
N ALA A 308 -32.55 6.13 -32.72
CA ALA A 308 -31.55 5.49 -33.62
C ALA A 308 -31.34 4.03 -33.20
N ARG A 309 -31.46 3.11 -34.15
CA ARG A 309 -31.32 1.69 -33.85
C ARG A 309 -29.84 1.33 -33.92
N GLY A 310 -29.44 0.28 -33.23
CA GLY A 310 -28.06 -0.13 -33.27
C GLY A 310 -27.52 -0.60 -31.94
N PRO A 311 -26.21 -0.89 -31.91
CA PRO A 311 -25.60 -1.50 -30.75
C PRO A 311 -25.70 -0.66 -29.46
N VAL A 312 -25.57 0.67 -29.57
CA VAL A 312 -25.61 1.53 -28.39
C VAL A 312 -27.03 1.44 -27.80
N ARG A 313 -28.05 1.63 -28.65
CA ARG A 313 -29.43 1.47 -28.20
C ARG A 313 -29.63 0.13 -27.49
N ASP A 314 -29.18 -0.95 -28.12
CA ASP A 314 -29.34 -2.29 -27.55
C ASP A 314 -28.76 -2.36 -26.13
N ALA A 315 -27.59 -1.76 -25.95
CA ALA A 315 -26.91 -1.80 -24.65
C ALA A 315 -27.65 -0.95 -23.61
N VAL A 316 -28.14 0.20 -24.05
CA VAL A 316 -28.98 1.07 -23.22
C VAL A 316 -30.27 0.34 -22.78
N VAL A 317 -30.97 -0.30 -23.72
CA VAL A 317 -32.23 -1.04 -23.45
C VAL A 317 -31.97 -2.20 -22.47
N LEU A 318 -30.88 -2.93 -22.70
CA LEU A 318 -30.52 -4.05 -21.83
C LEU A 318 -30.28 -3.59 -20.37
N ASN A 319 -29.52 -2.52 -20.20
CA ASN A 319 -29.24 -1.99 -18.87
C ASN A 319 -30.47 -1.35 -18.20
N ALA A 320 -31.26 -0.63 -18.97
CA ALA A 320 -32.52 -0.07 -18.47
C ALA A 320 -33.43 -1.16 -17.97
N ALA A 321 -33.54 -2.26 -18.74
CA ALA A 321 -34.34 -3.41 -18.35
C ALA A 321 -33.83 -4.02 -17.06
N GLY A 322 -32.50 -4.11 -16.93
CA GLY A 322 -31.88 -4.60 -15.71
C GLY A 322 -32.27 -3.79 -14.48
N ALA A 323 -32.31 -2.48 -14.63
CA ALA A 323 -32.70 -1.63 -13.50
C ALA A 323 -34.16 -1.80 -13.16
N ILE A 324 -34.98 -1.97 -14.19
CA ILE A 324 -36.43 -2.24 -14.01
C ILE A 324 -36.65 -3.58 -13.28
N VAL A 325 -35.86 -4.58 -13.61
CA VAL A 325 -35.90 -5.85 -12.88
C VAL A 325 -35.52 -5.68 -11.39
N ALA A 326 -34.48 -4.92 -11.11
CA ALA A 326 -34.09 -4.64 -9.71
C ALA A 326 -35.26 -3.96 -8.97
N HIS A 327 -35.87 -2.98 -9.62
CA HIS A 327 -37.00 -2.26 -9.04
C HIS A 327 -38.18 -3.22 -8.78
N ALA A 328 -38.45 -4.13 -9.72
CA ALA A 328 -39.55 -5.10 -9.56
C ALA A 328 -39.33 -6.02 -8.35
N GLY A 329 -38.07 -6.30 -8.05
CA GLY A 329 -37.67 -7.02 -6.86
C GLY A 329 -38.10 -6.43 -5.53
N LEU A 330 -38.43 -5.15 -5.48
CA LEU A 330 -38.91 -4.54 -4.24
C LEU A 330 -40.31 -5.03 -3.86
N SER A 331 -41.25 -4.87 -4.78
CA SER A 331 -42.60 -5.45 -4.67
C SER A 331 -42.58 -6.79 -5.40
N SER A 332 -41.92 -7.78 -4.80
CA SER A 332 -41.40 -8.95 -5.51
C SER A 332 -42.47 -9.95 -5.97
N ARG A 333 -43.40 -9.49 -6.80
CA ARG A 333 -44.40 -10.38 -7.37
C ARG A 333 -43.73 -11.29 -8.41
N ALA A 334 -43.22 -10.67 -9.47
CA ALA A 334 -42.80 -11.38 -10.67
C ALA A 334 -41.46 -12.14 -10.51
N GLU A 335 -41.37 -13.24 -11.23
CA GLU A 335 -40.14 -14.02 -11.31
C GLU A 335 -39.18 -13.46 -12.33
N TRP A 336 -37.93 -13.94 -12.27
CA TRP A 336 -36.81 -13.41 -13.05
C TRP A 336 -37.07 -13.29 -14.55
N LEU A 337 -37.48 -14.37 -15.21
CA LEU A 337 -37.65 -14.29 -16.67
C LEU A 337 -38.77 -13.37 -17.11
N PRO A 338 -39.97 -13.53 -16.54
CA PRO A 338 -41.05 -12.59 -16.88
C PRO A 338 -40.67 -11.12 -16.56
N ALA A 339 -39.95 -10.90 -15.46
CA ALA A 339 -39.55 -9.54 -15.06
C ALA A 339 -38.62 -8.92 -16.13
N TRP A 340 -37.72 -9.74 -16.67
CA TRP A 340 -36.84 -9.32 -17.76
C TRP A 340 -37.63 -8.99 -19.03
N GLU A 341 -38.58 -9.84 -19.37
CA GLU A 341 -39.37 -9.63 -20.59
C GLU A 341 -40.12 -8.29 -20.47
N GLU A 342 -40.71 -8.03 -19.31
CA GLU A 342 -41.41 -6.78 -19.05
C GLU A 342 -40.47 -5.57 -19.03
N GLY A 343 -39.32 -5.72 -18.38
CA GLY A 343 -38.31 -4.67 -18.37
C GLY A 343 -37.85 -4.27 -19.77
N LEU A 344 -37.59 -5.25 -20.63
CA LEU A 344 -37.18 -4.98 -22.01
C LEU A 344 -38.31 -4.27 -22.81
N ARG A 345 -39.55 -4.70 -22.60
CA ARG A 345 -40.70 -4.09 -23.27
C ARG A 345 -40.86 -2.64 -22.81
N ARG A 346 -40.78 -2.42 -21.51
CA ARG A 346 -40.93 -1.06 -20.97
C ARG A 346 -39.80 -0.15 -21.40
N ALA A 347 -38.57 -0.67 -21.41
CA ALA A 347 -37.42 0.15 -21.77
C ALA A 347 -37.50 0.58 -23.23
N SER A 348 -37.79 -0.39 -24.12
CA SER A 348 -37.96 -0.08 -25.53
C SER A 348 -39.07 0.94 -25.78
N ALA A 349 -40.21 0.74 -25.12
CA ALA A 349 -41.37 1.60 -25.32
C ALA A 349 -41.07 3.01 -24.85
N ALA A 350 -40.34 3.13 -23.74
CA ALA A 350 -39.96 4.43 -23.23
C ALA A 350 -39.16 5.21 -24.27
N ILE A 351 -38.30 4.51 -25.02
CA ILE A 351 -37.63 5.18 -26.15
C ILE A 351 -38.58 5.42 -27.32
N ASP A 352 -39.26 4.36 -27.77
CA ASP A 352 -40.00 4.41 -29.02
C ASP A 352 -41.18 5.40 -29.00
N THR A 353 -41.80 5.59 -27.83
CA THR A 353 -42.93 6.50 -27.68
C THR A 353 -42.46 7.93 -27.49
N GLY A 354 -41.14 8.15 -27.40
CA GLY A 354 -40.63 9.50 -27.17
C GLY A 354 -40.57 9.94 -25.70
N ALA A 355 -41.03 9.07 -24.81
CA ALA A 355 -41.07 9.42 -23.39
C ALA A 355 -39.69 9.79 -22.86
N ALA A 356 -38.66 9.06 -23.27
CA ALA A 356 -37.31 9.33 -22.76
C ALA A 356 -36.79 10.67 -23.26
N GLU A 357 -36.91 10.90 -24.57
CA GLU A 357 -36.54 12.19 -25.12
C GLU A 357 -37.31 13.30 -24.43
N GLN A 358 -38.61 13.09 -24.23
CA GLN A 358 -39.44 14.09 -23.56
C GLN A 358 -39.01 14.33 -22.11
N LEU A 359 -38.61 13.26 -21.43
CA LEU A 359 -38.24 13.36 -20.03
C LEU A 359 -36.93 14.13 -19.87
N LEU A 360 -35.96 13.87 -20.74
CA LEU A 360 -34.73 14.66 -20.73
C LEU A 360 -35.01 16.15 -20.96
N ALA A 361 -35.84 16.48 -21.94
CA ALA A 361 -36.22 17.88 -22.17
C ALA A 361 -36.84 18.51 -20.92
N ARG A 362 -37.70 17.77 -20.24
CA ARG A 362 -38.39 18.23 -19.03
C ARG A 362 -37.36 18.44 -17.91
N TRP A 363 -36.36 17.58 -17.85
CA TRP A 363 -35.32 17.68 -16.81
C TRP A 363 -34.45 18.91 -17.03
N VAL A 364 -34.11 19.16 -18.29
CA VAL A 364 -33.37 20.36 -18.67
C VAL A 364 -34.20 21.59 -18.35
N ARG A 365 -35.49 21.56 -18.69
CA ARG A 365 -36.40 22.67 -18.38
C ARG A 365 -36.42 22.96 -16.88
N PHE A 366 -36.51 21.90 -16.09
CA PHE A 366 -36.61 22.05 -14.65
C PHE A 366 -35.41 22.85 -14.12
N GLY A 367 -34.20 22.51 -14.57
CA GLY A 367 -32.98 23.16 -14.11
C GLY A 367 -32.88 24.62 -14.51
N ARG A 368 -33.38 24.94 -15.70
CA ARG A 368 -33.44 26.32 -16.18
C ARG A 368 -34.49 27.16 -15.42
N GLN A 369 -35.56 26.52 -14.95
CA GLN A 369 -36.61 27.24 -14.23
C GLN A 369 -36.29 27.47 -12.75
N ILE A 370 -35.13 27.03 -12.29
CA ILE A 370 -34.74 27.21 -10.88
C ILE A 370 -34.43 28.68 -10.57
N VAL B 24 7.12 5.59 -20.61
CA VAL B 24 7.00 6.69 -19.61
C VAL B 24 6.53 6.13 -18.26
N PRO B 25 7.44 6.03 -17.28
CA PRO B 25 6.99 5.51 -15.98
C PRO B 25 6.07 6.50 -15.24
N SER B 26 5.15 5.99 -14.45
CA SER B 26 4.25 6.83 -13.68
C SER B 26 3.77 6.07 -12.47
N TRP B 27 3.21 6.80 -11.50
CA TRP B 27 2.65 6.18 -10.29
C TRP B 27 1.53 5.19 -10.61
N PRO B 28 0.53 5.60 -11.43
CA PRO B 28 -0.52 4.64 -11.75
C PRO B 28 0.00 3.35 -12.40
N GLN B 29 0.95 3.47 -13.29
CA GLN B 29 1.57 2.33 -13.93
C GLN B 29 2.28 1.41 -12.92
N ILE B 30 3.15 2.01 -12.12
CA ILE B 30 3.98 1.27 -11.18
C ILE B 30 3.16 0.68 -10.04
N LEU B 31 2.30 1.51 -9.44
CA LEU B 31 1.43 1.02 -8.37
C LEU B 31 0.44 -0.02 -8.87
N GLY B 32 -0.05 0.15 -10.11
CA GLY B 32 -1.01 -0.82 -10.66
C GLY B 32 -0.38 -2.19 -10.85
N ARG B 33 0.87 -2.18 -11.29
CA ARG B 33 1.63 -3.40 -11.43
C ARG B 33 1.84 -4.13 -10.11
N LEU B 34 2.20 -3.37 -9.08
CA LEU B 34 2.38 -3.94 -7.75
C LEU B 34 1.06 -4.49 -7.17
N THR B 35 -0.03 -3.75 -7.32
CA THR B 35 -1.32 -4.21 -6.77
C THR B 35 -1.84 -5.43 -7.52
N ASP B 36 -1.41 -5.59 -8.78
CA ASP B 36 -1.66 -6.80 -9.56
C ASP B 36 -0.73 -7.95 -9.14
N ASN B 37 0.12 -7.72 -8.14
CA ASN B 37 1.07 -8.71 -7.64
C ASN B 37 2.12 -9.16 -8.65
N ARG B 38 2.57 -8.21 -9.46
CA ARG B 38 3.60 -8.46 -10.46
C ARG B 38 4.87 -7.77 -10.03
N ASP B 39 6.00 -8.40 -10.36
CA ASP B 39 7.30 -7.76 -10.22
C ASP B 39 7.35 -6.60 -11.20
N LEU B 40 8.11 -5.58 -10.85
CA LEU B 40 8.23 -4.39 -11.68
C LEU B 40 9.09 -4.67 -12.89
N ALA B 41 8.97 -3.83 -13.92
CA ALA B 41 9.94 -3.83 -15.03
C ALA B 41 11.22 -3.20 -14.54
N ARG B 42 12.32 -3.53 -15.18
CA ARG B 42 13.61 -2.99 -14.81
C ARG B 42 13.50 -1.48 -14.94
N GLY B 43 14.06 -0.75 -13.96
CA GLY B 43 14.05 0.71 -13.99
C GLY B 43 12.89 1.38 -13.25
N GLN B 44 11.77 0.67 -13.05
CA GLN B 44 10.60 1.30 -12.42
C GLN B 44 10.86 1.66 -10.95
N ALA B 45 11.49 0.75 -10.22
CA ALA B 45 11.78 1.01 -8.80
C ALA B 45 12.78 2.15 -8.70
N ALA B 46 13.75 2.20 -9.61
CA ALA B 46 14.72 3.30 -9.65
C ALA B 46 14.04 4.65 -9.87
N TRP B 47 13.10 4.70 -10.81
CA TRP B 47 12.30 5.90 -11.09
C TRP B 47 11.56 6.35 -9.84
N ALA B 48 10.87 5.41 -9.20
CA ALA B 48 10.15 5.71 -7.96
C ALA B 48 11.08 6.29 -6.92
N MET B 49 12.24 5.64 -6.74
CA MET B 49 13.15 6.09 -5.71
C MET B 49 13.69 7.48 -6.06
N ASP B 50 13.93 7.75 -7.34
CA ASP B 50 14.43 9.10 -7.68
C ASP B 50 13.36 10.17 -7.46
N GLN B 51 12.10 9.88 -7.75
CA GLN B 51 11.00 10.80 -7.36
C GLN B 51 11.02 11.06 -5.83
N ILE B 52 11.17 10.00 -5.06
CA ILE B 52 11.13 10.10 -3.62
C ILE B 52 12.30 10.93 -3.10
N MET B 53 13.49 10.73 -3.65
CA MET B 53 14.70 11.34 -3.14
C MET B 53 14.82 12.81 -3.56
N THR B 54 14.13 13.21 -4.64
CA THR B 54 14.20 14.59 -5.11
C THR B 54 13.10 15.52 -4.56
N GLY B 55 12.25 14.98 -3.70
CA GLY B 55 11.11 15.77 -3.20
C GLY B 55 9.96 15.88 -4.19
N ASN B 56 9.98 15.11 -5.27
CA ASN B 56 8.89 15.16 -6.24
C ASN B 56 7.73 14.18 -5.99
N ALA B 57 7.88 13.27 -5.05
CA ALA B 57 6.82 12.34 -4.72
C ALA B 57 5.97 12.94 -3.60
N ARG B 58 4.65 12.92 -3.77
CA ARG B 58 3.74 13.32 -2.71
C ARG B 58 3.81 12.26 -1.63
N PRO B 59 3.57 12.65 -0.38
CA PRO B 59 3.57 11.67 0.71
C PRO B 59 2.63 10.48 0.43
N ALA B 60 1.46 10.74 -0.16
CA ALA B 60 0.54 9.65 -0.55
C ALA B 60 1.16 8.66 -1.52
N GLN B 61 1.93 9.18 -2.48
CA GLN B 61 2.64 8.33 -3.44
C GLN B 61 3.75 7.54 -2.78
N ILE B 62 4.49 8.15 -1.87
CA ILE B 62 5.56 7.46 -1.18
C ILE B 62 4.99 6.27 -0.38
N ALA B 63 3.91 6.55 0.34
CA ALA B 63 3.27 5.56 1.20
C ALA B 63 2.67 4.42 0.39
N ALA B 64 2.01 4.77 -0.71
CA ALA B 64 1.40 3.77 -1.58
C ALA B 64 2.47 2.85 -2.14
N PHE B 65 3.59 3.44 -2.56
CA PHE B 65 4.71 2.67 -3.10
C PHE B 65 5.31 1.75 -2.03
N ALA B 66 5.62 2.31 -0.87
CA ALA B 66 6.22 1.51 0.21
C ALA B 66 5.35 0.30 0.59
N VAL B 67 4.06 0.56 0.73
CA VAL B 67 3.15 -0.50 1.12
C VAL B 67 3.00 -1.53 0.00
N ALA B 68 2.77 -1.07 -1.22
CA ALA B 68 2.57 -1.97 -2.35
C ALA B 68 3.80 -2.87 -2.61
N MET B 69 4.97 -2.27 -2.52
CA MET B 69 6.21 -3.02 -2.74
C MET B 69 6.34 -4.09 -1.65
N THR B 70 5.97 -3.74 -0.43
CA THR B 70 5.99 -4.68 0.68
C THR B 70 5.04 -5.86 0.52
N MET B 71 3.79 -5.59 0.14
CA MET B 71 2.81 -6.65 0.05
C MET B 71 2.98 -7.49 -1.21
N LYS B 72 3.54 -6.92 -2.27
CA LYS B 72 3.83 -7.73 -3.44
C LYS B 72 4.99 -8.70 -3.11
N ALA B 73 6.01 -8.19 -2.47
CA ALA B 73 7.18 -8.96 -1.98
C ALA B 73 8.31 -8.60 -2.91
N PRO B 74 9.21 -7.78 -2.42
CA PRO B 74 10.20 -7.16 -3.28
C PRO B 74 11.25 -8.17 -3.72
N THR B 75 11.80 -7.96 -4.89
CA THR B 75 12.89 -8.79 -5.40
C THR B 75 14.22 -8.11 -5.10
N ALA B 76 15.30 -8.89 -5.11
CA ALA B 76 16.65 -8.33 -5.00
C ALA B 76 16.95 -7.26 -6.04
N ASP B 77 16.50 -7.46 -7.28
CA ASP B 77 16.71 -6.47 -8.31
C ASP B 77 16.00 -5.16 -7.96
N GLU B 78 14.77 -5.23 -7.45
CA GLU B 78 14.03 -4.01 -7.12
C GLU B 78 14.68 -3.27 -5.96
N VAL B 79 15.08 -3.99 -4.93
CA VAL B 79 15.68 -3.40 -3.72
C VAL B 79 17.05 -2.83 -4.13
N GLY B 80 17.74 -3.51 -5.04
CA GLY B 80 19.00 -3.01 -5.58
C GLY B 80 18.85 -1.67 -6.26
N GLU B 81 17.74 -1.48 -6.97
CA GLU B 81 17.45 -0.20 -7.60
C GLU B 81 17.18 0.89 -6.56
N LEU B 82 16.38 0.58 -5.56
CA LEU B 82 16.10 1.54 -4.48
C LEU B 82 17.40 1.95 -3.81
N ALA B 83 18.20 0.96 -3.37
CA ALA B 83 19.45 1.22 -2.67
C ALA B 83 20.48 2.01 -3.51
N GLY B 84 20.60 1.66 -4.80
CA GLY B 84 21.52 2.36 -5.70
C GLY B 84 21.15 3.81 -5.94
N VAL B 85 19.86 4.08 -6.12
CA VAL B 85 19.44 5.45 -6.24
C VAL B 85 19.68 6.19 -4.93
N MET B 86 19.36 5.56 -3.81
CA MET B 86 19.57 6.23 -2.54
C MET B 86 21.05 6.60 -2.32
N LEU B 87 21.95 5.67 -2.62
CA LEU B 87 23.39 5.91 -2.49
C LEU B 87 23.87 7.06 -3.39
N SER B 88 23.31 7.18 -4.60
CA SER B 88 23.70 8.24 -5.51
C SER B 88 23.41 9.62 -4.93
N HIS B 89 22.42 9.72 -4.01
CA HIS B 89 22.12 10.99 -3.31
C HIS B 89 22.85 11.19 -2.00
N ALA B 90 23.60 10.18 -1.54
CA ALA B 90 24.26 10.25 -0.23
C ALA B 90 25.58 11.00 -0.32
N HIS B 91 26.02 11.58 0.79
CA HIS B 91 27.39 12.11 0.85
C HIS B 91 28.38 10.95 0.90
N PRO B 92 29.38 10.95 0.03
CA PRO B 92 30.38 9.91 0.14
C PRO B 92 31.50 10.31 1.10
N LEU B 93 32.27 9.33 1.54
CA LEU B 93 33.54 9.66 2.19
C LEU B 93 34.56 10.09 1.15
N PRO B 94 35.60 10.81 1.58
CA PRO B 94 36.60 11.28 0.63
C PRO B 94 37.34 10.12 -0.01
N ALA B 95 37.89 10.34 -1.20
CA ALA B 95 38.58 9.30 -1.95
C ALA B 95 39.74 8.70 -1.15
N ASP B 96 39.91 7.37 -1.27
CA ASP B 96 41.00 6.63 -0.62
C ASP B 96 41.06 6.74 0.89
N THR B 97 39.88 6.84 1.53
CA THR B 97 39.85 6.92 3.01
C THR B 97 39.23 5.70 3.67
N VAL B 98 38.67 4.80 2.86
CA VAL B 98 38.00 3.62 3.39
C VAL B 98 38.81 2.41 2.97
N PRO B 99 39.36 1.64 3.93
CA PRO B 99 40.14 0.46 3.51
C PRO B 99 39.33 -0.52 2.66
N ASP B 100 40.00 -1.23 1.74
CA ASP B 100 39.32 -2.20 0.87
C ASP B 100 38.62 -3.30 1.66
N ASP B 101 39.08 -3.51 2.89
CA ASP B 101 38.60 -4.60 3.71
C ASP B 101 37.79 -4.09 4.90
N ALA B 102 37.17 -2.92 4.77
CA ALA B 102 36.31 -2.43 5.86
C ALA B 102 35.04 -3.26 5.98
N VAL B 103 34.51 -3.34 7.21
CA VAL B 103 33.34 -4.13 7.52
C VAL B 103 32.29 -3.27 8.20
N ASP B 104 31.02 -3.63 7.99
CA ASP B 104 29.89 -3.06 8.74
C ASP B 104 29.30 -4.14 9.64
N VAL B 105 28.68 -3.73 10.73
CA VAL B 105 27.91 -4.62 11.59
C VAL B 105 26.64 -3.85 11.93
N VAL B 106 25.51 -4.31 11.42
CA VAL B 106 24.30 -3.49 11.42
C VAL B 106 23.10 -4.32 11.01
N GLY B 107 21.94 -3.98 11.56
CA GLY B 107 20.73 -4.70 11.19
C GLY B 107 19.58 -3.75 10.88
N THR B 108 18.50 -4.35 10.43
CA THR B 108 17.27 -3.61 10.15
C THR B 108 16.63 -3.03 11.38
N GLY B 109 16.92 -3.61 12.55
CA GLY B 109 16.12 -3.36 13.73
C GLY B 109 14.71 -3.88 13.49
N GLY B 110 13.77 -3.45 14.33
CA GLY B 110 12.37 -3.87 14.20
C GLY B 110 12.08 -5.27 14.71
N ASP B 111 13.01 -5.90 15.42
CA ASP B 111 12.75 -7.24 15.94
C ASP B 111 11.74 -7.24 17.09
N GLY B 112 11.50 -6.08 17.71
CA GLY B 112 10.50 -5.96 18.77
C GLY B 112 10.87 -6.71 20.02
N VAL B 113 12.16 -6.99 20.19
CA VAL B 113 12.66 -7.61 21.41
C VAL B 113 13.57 -6.56 22.02
N ASN B 114 13.31 -6.18 23.26
CA ASN B 114 14.13 -5.18 23.92
C ASN B 114 15.48 -5.85 24.26
N THR B 115 16.53 -5.53 23.51
CA THR B 115 17.87 -6.05 23.85
C THR B 115 18.88 -4.92 24.02
N VAL B 116 19.99 -5.24 24.66
CA VAL B 116 21.16 -4.38 24.59
C VAL B 116 21.60 -4.21 23.12
N ASN B 117 22.53 -3.30 22.88
CA ASN B 117 22.94 -2.94 21.52
C ASN B 117 24.03 -3.87 21.04
N LEU B 118 23.60 -5.04 20.57
CA LEU B 118 24.53 -6.08 20.22
C LEU B 118 25.42 -5.76 19.04
N SER B 119 24.88 -5.11 18.01
CA SER B 119 25.68 -4.83 16.82
C SER B 119 26.74 -3.81 17.15
N THR B 120 26.38 -2.80 17.93
CA THR B 120 27.30 -1.73 18.32
C THR B 120 28.46 -2.27 19.18
N MET B 121 28.14 -3.12 20.14
CA MET B 121 29.17 -3.77 20.94
C MET B 121 30.10 -4.67 20.12
N ALA B 122 29.52 -5.49 19.26
CA ALA B 122 30.30 -6.33 18.38
C ALA B 122 31.20 -5.48 17.50
N ALA B 123 30.68 -4.34 17.03
CA ALA B 123 31.49 -3.46 16.17
C ALA B 123 32.74 -2.95 16.85
N ILE B 124 32.61 -2.57 18.11
CA ILE B 124 33.77 -2.13 18.88
C ILE B 124 34.81 -3.23 19.02
N VAL B 125 34.33 -4.43 19.33
CA VAL B 125 35.22 -5.60 19.52
C VAL B 125 35.92 -5.97 18.22
N VAL B 126 35.17 -5.96 17.12
CA VAL B 126 35.73 -6.22 15.80
C VAL B 126 36.83 -5.22 15.43
N ALA B 127 36.58 -3.94 15.65
CA ALA B 127 37.59 -2.93 15.35
C ALA B 127 38.81 -3.15 16.21
N ALA B 128 38.59 -3.56 17.46
CA ALA B 128 39.67 -3.76 18.42
C ALA B 128 40.47 -4.99 18.03
N ALA B 129 39.86 -5.91 17.29
CA ALA B 129 40.60 -7.05 16.76
C ALA B 129 41.46 -6.71 15.53
N GLY B 130 41.40 -5.45 15.09
CA GLY B 130 42.22 -4.94 13.98
C GLY B 130 41.52 -4.93 12.63
N VAL B 131 40.20 -5.12 12.62
CA VAL B 131 39.42 -5.10 11.40
C VAL B 131 38.80 -3.70 11.29
N PRO B 132 39.06 -2.98 10.19
CA PRO B 132 38.45 -1.64 10.11
C PRO B 132 36.94 -1.73 10.01
N VAL B 133 36.24 -0.90 10.79
CA VAL B 133 34.81 -0.95 10.86
C VAL B 133 34.27 0.41 10.48
N VAL B 134 33.40 0.43 9.49
CA VAL B 134 32.70 1.66 9.23
C VAL B 134 31.23 1.36 9.38
N LYS B 135 30.70 1.86 10.49
CA LYS B 135 29.39 1.51 10.88
C LYS B 135 28.37 2.54 10.43
N HIS B 136 27.27 2.03 9.92
CA HIS B 136 26.15 2.82 9.52
C HIS B 136 25.20 2.52 10.64
N GLY B 137 24.43 3.52 11.01
CA GLY B 137 23.58 3.37 12.15
C GLY B 137 22.67 4.56 12.29
N ASN B 138 21.83 4.49 13.31
CA ASN B 138 20.80 5.50 13.50
C ASN B 138 20.28 5.32 14.92
N ARG B 139 19.47 6.28 15.32
CA ARG B 139 18.73 6.19 16.58
C ARG B 139 17.69 5.06 16.57
N ALA B 140 17.09 4.83 17.73
CA ALA B 140 16.00 3.88 17.85
C ALA B 140 14.81 4.36 17.04
N ALA B 141 14.12 3.42 16.42
CA ALA B 141 12.81 3.68 15.83
C ALA B 141 11.74 3.10 16.79
N SER B 142 11.92 1.84 17.18
CA SER B 142 10.99 1.13 18.10
C SER B 142 11.55 0.92 19.51
N SER B 143 12.81 0.49 19.59
CA SER B 143 13.41 0.11 20.87
C SER B 143 13.67 1.31 21.80
N LEU B 144 14.08 1.02 23.04
CA LEU B 144 14.33 2.06 24.04
C LEU B 144 15.61 2.87 23.74
N SER B 145 16.62 2.23 23.19
CA SER B 145 17.86 2.93 22.82
C SER B 145 18.49 2.25 21.61
N GLY B 146 18.71 3.02 20.55
CA GLY B 146 19.38 2.48 19.38
C GLY B 146 20.89 2.62 19.49
N GLY B 147 21.59 2.04 18.52
CA GLY B 147 23.05 2.09 18.52
C GLY B 147 23.58 3.49 18.70
N ALA B 148 23.01 4.42 17.92
CA ALA B 148 23.45 5.80 17.95
C ALA B 148 23.24 6.45 19.32
N ASP B 149 22.07 6.18 19.91
CA ASP B 149 21.71 6.76 21.21
C ASP B 149 22.70 6.31 22.29
N THR B 150 23.07 5.02 22.24
CA THR B 150 23.94 4.44 23.24
C THR B 150 25.38 4.97 23.06
N LEU B 151 25.80 5.11 21.80
CA LEU B 151 27.13 5.66 21.54
C LEU B 151 27.24 7.09 22.11
N GLU B 152 26.21 7.86 21.88
CA GLU B 152 26.11 9.19 22.45
C GLU B 152 26.20 9.19 23.99
N ALA B 153 25.49 8.28 24.63
CA ALA B 153 25.56 8.15 26.09
C ALA B 153 26.96 7.76 26.59
N LEU B 154 27.73 7.06 25.75
CA LEU B 154 29.10 6.71 26.11
C LEU B 154 30.07 7.86 25.89
N GLY B 155 29.59 8.96 25.32
CA GLY B 155 30.46 10.11 25.02
C GLY B 155 31.02 10.18 23.60
N VAL B 156 30.60 9.25 22.74
CA VAL B 156 31.06 9.23 21.35
C VAL B 156 30.29 10.26 20.52
N ARG B 157 31.00 11.03 19.69
CA ARG B 157 30.34 12.02 18.80
C ARG B 157 29.81 11.32 17.56
N ILE B 158 28.50 11.25 17.42
CA ILE B 158 27.90 10.44 16.35
C ILE B 158 27.60 11.27 15.10
N ASP B 159 27.61 12.59 15.24
CA ASP B 159 27.16 13.52 14.18
C ASP B 159 28.32 14.16 13.42
N LEU B 160 29.19 13.36 12.84
CA LEU B 160 30.37 13.89 12.15
C LEU B 160 30.20 13.78 10.64
N GLY B 161 30.71 14.77 9.93
CA GLY B 161 30.73 14.74 8.46
C GLY B 161 31.73 13.75 7.89
N PRO B 162 31.73 13.59 6.56
CA PRO B 162 32.60 12.65 5.83
C PRO B 162 34.09 12.73 6.17
N ASP B 163 34.66 13.94 6.23
CA ASP B 163 36.10 14.09 6.47
C ASP B 163 36.48 13.57 7.86
N LEU B 164 35.64 13.86 8.84
CA LEU B 164 35.90 13.41 10.22
C LEU B 164 35.63 11.93 10.43
N VAL B 165 34.63 11.36 9.76
CA VAL B 165 34.47 9.91 9.83
C VAL B 165 35.71 9.21 9.24
N ALA B 166 36.20 9.72 8.12
CA ALA B 166 37.41 9.21 7.49
C ALA B 166 38.59 9.26 8.47
N ARG B 167 38.75 10.40 9.13
CA ARG B 167 39.85 10.62 10.10
C ARG B 167 39.71 9.64 11.26
N SER B 168 38.47 9.45 11.73
CA SER B 168 38.20 8.54 12.84
C SER B 168 38.60 7.13 12.47
N LEU B 169 38.21 6.71 11.28
CA LEU B 169 38.56 5.39 10.80
C LEU B 169 40.10 5.22 10.77
N ALA B 170 40.80 6.24 10.29
CA ALA B 170 42.26 6.18 10.24
C ALA B 170 42.91 6.21 11.62
N GLU B 171 42.43 7.07 12.51
CA GLU B 171 43.12 7.29 13.77
C GLU B 171 42.67 6.33 14.85
N VAL B 172 41.41 5.94 14.81
CA VAL B 172 40.83 5.09 15.84
C VAL B 172 40.62 3.63 15.39
N GLY B 173 40.36 3.41 14.11
CA GLY B 173 40.03 2.07 13.58
C GLY B 173 38.54 1.81 13.38
N ILE B 174 37.71 2.79 13.71
CA ILE B 174 36.26 2.68 13.57
C ILE B 174 35.73 4.09 13.24
N GLY B 175 34.69 4.14 12.42
CA GLY B 175 33.97 5.36 12.14
C GLY B 175 32.48 5.07 12.16
N PHE B 176 31.68 6.08 12.47
CA PHE B 176 30.24 5.96 12.49
C PHE B 176 29.60 6.97 11.53
N CYS B 177 28.88 6.47 10.53
CA CYS B 177 28.10 7.31 9.63
C CYS B 177 26.69 7.38 10.13
N PHE B 178 26.30 8.54 10.61
CA PHE B 178 24.97 8.74 11.16
C PHE B 178 24.02 8.98 9.99
N ALA B 179 23.05 8.10 9.85
CA ALA B 179 22.26 8.10 8.62
C ALA B 179 21.64 9.47 8.22
N PRO B 180 21.01 10.21 9.17
CA PRO B 180 20.48 11.52 8.74
C PRO B 180 21.50 12.54 8.21
N ARG B 181 22.75 12.45 8.67
CA ARG B 181 23.83 13.32 8.22
C ARG B 181 24.24 12.98 6.77
N PHE B 182 24.23 11.68 6.45
CA PHE B 182 24.72 11.21 5.15
C PHE B 182 23.66 11.09 4.08
N HIS B 183 22.40 10.99 4.50
CA HIS B 183 21.25 10.80 3.60
C HIS B 183 20.19 11.86 3.77
N PRO B 184 20.56 13.16 3.68
CA PRO B 184 19.61 14.24 3.92
C PRO B 184 18.37 14.21 3.00
N SER B 185 18.56 13.74 1.77
CA SER B 185 17.46 13.69 0.80
C SER B 185 16.44 12.56 1.06
N TYR B 186 16.76 11.64 1.98
CA TYR B 186 15.83 10.59 2.41
C TYR B 186 14.74 11.14 3.36
N ARG B 187 14.79 12.43 3.68
CA ARG B 187 13.89 12.98 4.70
C ARG B 187 12.40 12.84 4.37
N HIS B 188 12.03 12.89 3.10
CA HIS B 188 10.63 12.71 2.70
C HIS B 188 10.14 11.30 2.99
N ALA B 189 11.00 10.32 2.68
CA ALA B 189 10.68 8.94 2.95
C ALA B 189 10.63 8.66 4.45
N ALA B 190 11.60 9.20 5.20
CA ALA B 190 11.65 8.96 6.63
C ALA B 190 10.40 9.48 7.34
N ALA B 191 9.91 10.64 6.90
CA ALA B 191 8.70 11.22 7.47
C ALA B 191 7.48 10.32 7.25
N VAL B 192 7.36 9.78 6.03
CA VAL B 192 6.27 8.84 5.71
C VAL B 192 6.39 7.57 6.55
N ARG B 193 7.62 7.05 6.68
CA ARG B 193 7.87 5.89 7.51
C ARG B 193 7.31 6.10 8.92
N ARG B 194 7.59 7.26 9.51
CA ARG B 194 7.10 7.57 10.86
C ARG B 194 5.58 7.71 10.90
N GLU B 195 5.01 8.34 9.88
CA GLU B 195 3.57 8.54 9.82
C GLU B 195 2.77 7.25 9.74
N ILE B 196 3.26 6.26 8.99
CA ILE B 196 2.50 5.02 8.82
C ILE B 196 2.85 3.93 9.84
N GLY B 197 4.06 3.96 10.40
CA GLY B 197 4.45 3.03 11.48
C GLY B 197 4.81 1.63 11.02
N VAL B 198 4.00 1.05 10.15
CA VAL B 198 4.18 -0.33 9.73
C VAL B 198 5.53 -0.51 9.02
N PRO B 199 6.25 -1.61 9.31
CA PRO B 199 7.46 -1.94 8.54
C PRO B 199 7.16 -2.13 7.06
N THR B 200 8.06 -1.62 6.22
CA THR B 200 7.95 -1.77 4.80
C THR B 200 9.31 -2.16 4.23
N VAL B 201 9.37 -2.29 2.91
CA VAL B 201 10.61 -2.49 2.22
C VAL B 201 11.64 -1.40 2.56
N PHE B 202 11.21 -0.19 2.88
CA PHE B 202 12.16 0.82 3.30
C PHE B 202 12.96 0.45 4.54
N ASN B 203 12.41 -0.39 5.42
CA ASN B 203 13.18 -0.83 6.58
C ASN B 203 14.41 -1.67 6.19
N LEU B 204 14.47 -2.16 4.94
CA LEU B 204 15.64 -2.91 4.47
C LEU B 204 16.82 -2.03 4.05
N LEU B 205 16.58 -0.76 3.83
CA LEU B 205 17.53 0.07 3.09
C LEU B 205 18.76 0.51 3.90
N GLY B 206 18.61 0.66 5.21
CA GLY B 206 19.72 1.12 6.05
C GLY B 206 20.97 0.32 5.85
N PRO B 207 20.89 -0.99 6.08
CA PRO B 207 22.06 -1.85 5.93
C PRO B 207 22.61 -1.90 4.52
N LEU B 208 21.78 -1.54 3.54
CA LEU B 208 22.17 -1.62 2.15
C LEU B 208 22.70 -0.31 1.62
N THR B 209 22.72 0.76 2.43
CA THR B 209 23.09 2.10 1.95
C THR B 209 24.16 2.77 2.83
N ASN B 210 25.04 1.99 3.43
CA ASN B 210 26.19 2.52 4.17
C ASN B 210 27.00 3.41 3.21
N PRO B 211 27.15 4.71 3.54
CA PRO B 211 27.74 5.59 2.52
C PRO B 211 29.22 5.34 2.28
N ALA B 212 29.88 4.64 3.21
CA ALA B 212 31.28 4.28 3.03
C ALA B 212 31.44 3.04 2.17
N ARG B 213 30.35 2.36 1.82
CA ARG B 213 30.36 1.19 0.92
C ARG B 213 31.35 0.07 1.32
N PRO B 214 31.39 -0.29 2.60
CA PRO B 214 32.27 -1.42 2.93
C PRO B 214 31.86 -2.67 2.18
N ARG B 215 32.83 -3.49 1.86
CA ARG B 215 32.60 -4.67 1.03
C ARG B 215 32.28 -5.94 1.84
N ALA B 216 32.32 -5.86 3.17
CA ALA B 216 31.98 -6.98 4.01
C ALA B 216 31.06 -6.53 5.12
N GLY B 217 30.36 -7.48 5.73
CA GLY B 217 29.49 -7.13 6.81
C GLY B 217 28.78 -8.29 7.47
N LEU B 218 28.37 -8.06 8.72
CA LEU B 218 27.43 -8.92 9.40
C LEU B 218 26.13 -8.13 9.46
N ILE B 219 25.13 -8.60 8.73
CA ILE B 219 23.90 -7.84 8.51
C ILE B 219 22.71 -8.57 9.08
N GLY B 220 22.08 -7.99 10.11
CA GLY B 220 20.93 -8.58 10.77
C GLY B 220 19.65 -8.23 10.07
N CYS B 221 18.73 -9.19 9.97
CA CYS B 221 17.42 -8.93 9.37
C CYS B 221 16.33 -9.50 10.28
N ALA B 222 15.46 -8.63 10.75
CA ALA B 222 14.34 -9.00 11.63
C ALA B 222 13.22 -9.76 10.91
N PHE B 223 13.18 -9.65 9.58
CA PHE B 223 12.08 -10.14 8.75
C PHE B 223 12.60 -11.36 8.00
N ALA B 224 12.24 -12.56 8.49
CA ALA B 224 12.85 -13.80 8.01
C ALA B 224 12.71 -13.96 6.51
N ASP B 225 11.55 -13.56 5.99
CA ASP B 225 11.25 -13.78 4.58
C ASP B 225 11.98 -12.81 3.65
N LEU B 226 12.56 -11.76 4.21
CA LEU B 226 13.27 -10.75 3.43
C LEU B 226 14.80 -10.85 3.52
N ALA B 227 15.33 -11.69 4.43
CA ALA B 227 16.76 -11.83 4.56
C ALA B 227 17.39 -12.26 3.24
N GLU B 228 16.70 -13.15 2.53
CA GLU B 228 17.17 -13.66 1.25
C GLU B 228 17.31 -12.57 0.21
N VAL B 229 16.36 -11.66 0.21
CA VAL B 229 16.36 -10.52 -0.72
C VAL B 229 17.57 -9.62 -0.43
N MET B 230 17.80 -9.34 0.86
CA MET B 230 18.95 -8.52 1.25
C MET B 230 20.23 -9.20 0.83
N ALA B 231 20.30 -10.52 1.05
CA ALA B 231 21.48 -11.28 0.60
C ALA B 231 21.71 -11.17 -0.89
N GLY B 232 20.62 -11.20 -1.66
CA GLY B 232 20.74 -11.07 -3.13
C GLY B 232 21.34 -9.73 -3.56
N VAL B 233 20.98 -8.66 -2.87
CA VAL B 233 21.53 -7.34 -3.19
C VAL B 233 23.05 -7.37 -2.93
N PHE B 234 23.46 -7.90 -1.78
CA PHE B 234 24.90 -8.01 -1.50
C PHE B 234 25.61 -8.93 -2.50
N ALA B 235 24.94 -9.99 -2.94
CA ALA B 235 25.52 -10.91 -3.94
C ALA B 235 25.82 -10.17 -5.25
N ALA B 236 24.89 -9.33 -5.69
CA ALA B 236 25.08 -8.52 -6.91
C ALA B 236 26.27 -7.55 -6.80
N ARG B 237 26.60 -7.15 -5.57
CA ARG B 237 27.73 -6.25 -5.32
C ARG B 237 29.02 -7.02 -5.12
N ARG B 238 28.92 -8.35 -5.09
CA ARG B 238 30.05 -9.22 -4.73
C ARG B 238 30.68 -8.90 -3.40
N SER B 239 29.83 -8.57 -2.44
CA SER B 239 30.25 -8.41 -1.05
C SER B 239 30.43 -9.74 -0.34
N SER B 240 31.27 -9.77 0.70
CA SER B 240 31.37 -10.92 1.59
C SER B 240 30.57 -10.61 2.83
N VAL B 241 29.40 -11.23 2.93
CA VAL B 241 28.42 -10.82 3.93
C VAL B 241 27.75 -12.07 4.53
N LEU B 242 27.49 -12.04 5.83
CA LEU B 242 26.56 -12.97 6.45
C LEU B 242 25.33 -12.17 6.81
N VAL B 243 24.20 -12.52 6.21
CA VAL B 243 22.93 -11.95 6.58
C VAL B 243 22.33 -12.93 7.58
N VAL B 244 21.94 -12.43 8.75
CA VAL B 244 21.57 -13.33 9.84
C VAL B 244 20.23 -12.99 10.44
N HIS B 245 19.51 -14.04 10.84
CA HIS B 245 18.25 -13.91 11.55
C HIS B 245 18.22 -15.01 12.61
N GLY B 246 18.20 -14.60 13.88
CA GLY B 246 18.06 -15.54 14.96
C GLY B 246 16.69 -16.18 14.87
N ASP B 247 16.62 -17.49 15.10
CA ASP B 247 15.34 -18.18 15.00
C ASP B 247 14.41 -17.86 16.18
N ASP B 248 14.86 -17.02 17.12
CA ASP B 248 14.02 -16.40 18.16
C ASP B 248 13.48 -15.00 17.74
N GLY B 249 13.76 -14.61 16.49
CA GLY B 249 13.33 -13.33 15.93
C GLY B 249 14.36 -12.22 15.93
N LEU B 250 15.52 -12.41 16.56
CA LEU B 250 16.51 -11.33 16.64
C LEU B 250 17.14 -11.02 15.29
N ASP B 251 17.40 -9.74 15.04
CA ASP B 251 18.19 -9.32 13.88
C ASP B 251 19.70 -9.31 14.23
N GLU B 252 20.11 -10.38 14.90
CA GLU B 252 21.49 -10.61 15.31
C GLU B 252 21.69 -12.13 15.34
N LEU B 253 22.94 -12.57 15.45
CA LEU B 253 23.20 -13.97 15.78
C LEU B 253 22.80 -14.13 17.21
N THR B 254 21.92 -15.09 17.49
CA THR B 254 21.41 -15.26 18.84
C THR B 254 22.15 -16.35 19.63
N THR B 255 22.08 -16.26 20.95
CA THR B 255 22.56 -17.31 21.85
C THR B 255 21.40 -18.11 22.48
N THR B 256 20.15 -17.73 22.20
CA THR B 256 18.99 -18.42 22.81
C THR B 256 18.52 -19.65 22.03
N THR B 257 18.94 -19.74 20.77
CA THR B 257 18.61 -20.90 19.93
C THR B 257 19.47 -20.80 18.66
N THR B 258 19.07 -21.50 17.62
CA THR B 258 19.80 -21.49 16.35
C THR B 258 19.53 -20.18 15.62
N SER B 259 20.33 -19.92 14.60
CA SER B 259 20.08 -18.81 13.66
C SER B 259 20.11 -19.31 12.23
N THR B 260 19.48 -18.55 11.34
CA THR B 260 19.56 -18.81 9.91
C THR B 260 20.55 -17.81 9.34
N ILE B 261 21.51 -18.30 8.57
CA ILE B 261 22.50 -17.45 7.93
C ILE B 261 22.38 -17.62 6.41
N TRP B 262 22.27 -16.51 5.71
CA TRP B 262 22.44 -16.46 4.27
C TRP B 262 23.86 -15.97 4.03
N ARG B 263 24.73 -16.89 3.69
CA ARG B 263 26.13 -16.59 3.42
C ARG B 263 26.32 -16.11 1.97
N VAL B 264 26.90 -14.93 1.82
CA VAL B 264 27.15 -14.32 0.53
C VAL B 264 28.65 -14.33 0.28
N ALA B 265 29.04 -15.03 -0.78
CA ALA B 265 30.43 -15.21 -1.19
C ALA B 265 30.51 -15.46 -2.70
N ALA B 266 31.47 -14.84 -3.36
CA ALA B 266 31.68 -15.04 -4.80
C ALA B 266 30.41 -14.79 -5.59
N GLY B 267 29.64 -13.80 -5.18
CA GLY B 267 28.39 -13.46 -5.85
C GLY B 267 27.27 -14.51 -5.81
N SER B 268 27.33 -15.49 -4.91
CA SER B 268 26.15 -16.33 -4.67
C SER B 268 25.82 -16.46 -3.17
N VAL B 269 24.59 -16.91 -2.94
CA VAL B 269 24.00 -17.00 -1.63
C VAL B 269 23.73 -18.46 -1.34
N ASP B 270 24.09 -18.93 -0.14
CA ASP B 270 23.59 -20.21 0.33
C ASP B 270 23.09 -20.07 1.77
N LYS B 271 22.02 -20.80 2.05
CA LYS B 271 21.29 -20.69 3.30
C LYS B 271 21.77 -21.79 4.24
N LEU B 272 22.02 -21.42 5.50
CA LEU B 272 22.54 -22.32 6.53
C LEU B 272 21.76 -22.15 7.83
N THR B 273 21.67 -23.25 8.59
CA THR B 273 21.28 -23.21 9.99
C THR B 273 22.55 -23.22 10.83
N PHE B 274 22.64 -22.26 11.74
CA PHE B 274 23.82 -22.09 12.58
C PHE B 274 23.46 -22.34 14.03
N ASP B 275 24.23 -23.14 14.74
CA ASP B 275 23.97 -23.41 16.16
C ASP B 275 25.20 -23.10 16.99
N PRO B 276 25.10 -22.10 17.88
CA PRO B 276 26.29 -21.76 18.66
C PRO B 276 26.73 -22.84 19.68
N ALA B 277 25.84 -23.75 20.05
CA ALA B 277 26.16 -24.85 20.95
C ALA B 277 27.37 -25.61 20.44
N GLY B 278 27.52 -25.71 19.13
CA GLY B 278 28.66 -26.40 18.54
C GLY B 278 30.00 -25.78 18.88
N PHE B 279 30.01 -24.51 19.28
CA PHE B 279 31.24 -23.83 19.71
C PHE B 279 31.37 -23.73 21.22
N GLY B 280 30.48 -24.41 21.95
CA GLY B 280 30.53 -24.45 23.41
C GLY B 280 29.69 -23.41 24.11
N PHE B 281 28.91 -22.63 23.34
CA PHE B 281 28.03 -21.64 23.96
C PHE B 281 26.84 -22.28 24.63
N ALA B 282 26.60 -21.96 25.90
CA ALA B 282 25.36 -22.38 26.53
C ALA B 282 24.15 -21.57 26.02
N ARG B 283 22.99 -22.20 26.05
CA ARG B 283 21.74 -21.58 25.64
C ARG B 283 21.35 -20.52 26.65
N ALA B 284 21.10 -19.31 26.19
CA ALA B 284 20.67 -18.23 27.07
C ALA B 284 19.16 -18.02 26.94
N GLN B 285 18.61 -17.21 27.84
CA GLN B 285 17.22 -16.80 27.75
C GLN B 285 17.17 -15.37 27.24
N LEU B 286 16.13 -15.04 26.51
CA LEU B 286 15.99 -13.71 25.91
C LEU B 286 16.03 -12.59 26.95
N ASP B 287 15.43 -12.79 28.12
CA ASP B 287 15.47 -11.73 29.15
C ASP B 287 16.87 -11.47 29.71
N GLN B 288 17.80 -12.39 29.50
CA GLN B 288 19.19 -12.16 29.90
C GLN B 288 19.90 -11.14 28.98
N LEU B 289 19.31 -10.84 27.83
CA LEU B 289 19.88 -9.86 26.88
C LEU B 289 19.12 -8.55 26.89
N ALA B 290 18.21 -8.39 27.86
CA ALA B 290 17.30 -7.26 27.92
C ALA B 290 18.08 -5.96 28.03
N GLY B 291 17.62 -4.92 27.36
CA GLY B 291 18.24 -3.60 27.47
C GLY B 291 17.34 -2.65 28.21
N GLY B 292 17.77 -1.40 28.32
CA GLY B 292 16.91 -0.32 28.81
C GLY B 292 17.16 0.94 28.01
N ASP B 293 17.20 2.06 28.72
CA ASP B 293 17.41 3.35 28.08
C ASP B 293 18.91 3.49 27.73
N ALA B 294 19.28 4.65 27.19
CA ALA B 294 20.64 4.87 26.68
C ALA B 294 21.69 4.72 27.76
N GLN B 295 21.39 5.23 28.95
CA GLN B 295 22.33 5.14 30.07
C GLN B 295 22.54 3.68 30.51
N ALA B 296 21.44 2.92 30.57
CA ALA B 296 21.52 1.52 30.96
C ALA B 296 22.30 0.70 29.92
N ASN B 297 22.04 0.96 28.64
CA ASN B 297 22.74 0.21 27.58
C ASN B 297 24.19 0.63 27.48
N ALA B 298 24.49 1.89 27.81
CA ALA B 298 25.89 2.32 27.94
C ALA B 298 26.62 1.56 29.06
N ALA B 299 25.97 1.38 30.20
CA ALA B 299 26.56 0.58 31.27
C ALA B 299 26.82 -0.88 30.84
N ALA B 300 25.91 -1.45 30.04
CA ALA B 300 26.13 -2.84 29.57
C ALA B 300 27.35 -2.91 28.66
N VAL B 301 27.51 -1.90 27.80
CA VAL B 301 28.70 -1.82 26.95
C VAL B 301 29.95 -1.79 27.83
N ARG B 302 29.99 -0.88 28.79
CA ARG B 302 31.16 -0.76 29.66
C ARG B 302 31.44 -2.07 30.41
N ALA B 303 30.40 -2.74 30.89
CA ALA B 303 30.57 -4.03 31.57
C ALA B 303 31.22 -5.08 30.67
N VAL B 304 30.76 -5.17 29.43
CA VAL B 304 31.29 -6.19 28.50
C VAL B 304 32.76 -5.88 28.19
N LEU B 305 33.07 -4.61 27.93
CA LEU B 305 34.41 -4.23 27.53
C LEU B 305 35.40 -4.36 28.68
N GLY B 306 34.90 -4.27 29.91
CA GLY B 306 35.71 -4.49 31.10
C GLY B 306 35.95 -5.97 31.42
N GLY B 307 35.37 -6.86 30.63
CA GLY B 307 35.68 -8.29 30.73
C GLY B 307 34.66 -9.11 31.51
N ALA B 308 33.49 -8.54 31.81
CA ALA B 308 32.48 -9.27 32.60
C ALA B 308 31.98 -10.46 31.79
N ARG B 309 31.92 -11.63 32.43
CA ARG B 309 31.44 -12.83 31.77
C ARG B 309 29.94 -12.87 31.85
N GLY B 310 29.34 -13.74 31.07
CA GLY B 310 27.92 -13.92 31.11
C GLY B 310 27.32 -13.85 29.72
N PRO B 311 25.98 -13.88 29.66
CA PRO B 311 25.31 -14.00 28.37
C PRO B 311 25.47 -12.81 27.43
N VAL B 312 25.62 -11.60 27.96
CA VAL B 312 25.79 -10.45 27.07
C VAL B 312 27.15 -10.54 26.35
N ARG B 313 28.22 -10.79 27.11
CA ARG B 313 29.52 -11.03 26.48
C ARG B 313 29.45 -12.13 25.43
N ASP B 314 28.80 -13.24 25.76
CA ASP B 314 28.68 -14.36 24.81
C ASP B 314 28.07 -13.93 23.47
N ALA B 315 26.96 -13.21 23.55
CA ALA B 315 26.30 -12.72 22.35
C ALA B 315 27.16 -11.73 21.55
N VAL B 316 27.87 -10.84 22.25
CA VAL B 316 28.75 -9.88 21.60
C VAL B 316 29.88 -10.59 20.86
N VAL B 317 30.48 -11.57 21.53
CA VAL B 317 31.59 -12.34 21.02
C VAL B 317 31.15 -13.13 19.80
N LEU B 318 29.96 -13.72 19.86
CA LEU B 318 29.43 -14.49 18.73
C LEU B 318 29.25 -13.60 17.51
N ASN B 319 28.66 -12.43 17.72
CA ASN B 319 28.42 -11.55 16.60
C ASN B 319 29.71 -10.93 16.08
N ALA B 320 30.63 -10.61 16.98
CA ALA B 320 31.91 -10.08 16.53
C ALA B 320 32.62 -11.12 15.65
N ALA B 321 32.57 -12.39 16.05
CA ALA B 321 33.20 -13.47 15.28
C ALA B 321 32.59 -13.58 13.90
N GLY B 322 31.26 -13.49 13.83
CA GLY B 322 30.55 -13.51 12.55
C GLY B 322 31.00 -12.42 11.60
N ALA B 323 31.18 -11.20 12.10
CA ALA B 323 31.74 -10.12 11.30
C ALA B 323 33.17 -10.39 10.87
N ILE B 324 33.97 -10.97 11.76
CA ILE B 324 35.34 -11.33 11.40
C ILE B 324 35.37 -12.42 10.32
N VAL B 325 34.46 -13.38 10.40
CA VAL B 325 34.29 -14.41 9.36
C VAL B 325 33.92 -13.77 8.02
N ALA B 326 33.01 -12.79 8.04
CA ALA B 326 32.65 -12.10 6.80
C ALA B 326 33.86 -11.36 6.23
N HIS B 327 34.61 -10.71 7.10
CA HIS B 327 35.83 -10.03 6.69
C HIS B 327 36.84 -11.00 6.04
N ALA B 328 37.00 -12.17 6.65
CA ALA B 328 37.92 -13.19 6.15
C ALA B 328 37.52 -13.63 4.74
N GLY B 329 36.22 -13.66 4.49
CA GLY B 329 35.67 -14.08 3.20
C GLY B 329 36.03 -13.19 2.01
N LEU B 330 36.60 -12.00 2.28
CA LEU B 330 37.13 -11.16 1.24
C LEU B 330 38.35 -11.81 0.57
N SER B 331 39.16 -12.50 1.36
CA SER B 331 40.27 -13.35 0.86
C SER B 331 39.90 -14.85 1.07
N SER B 332 38.85 -15.30 0.38
CA SER B 332 38.10 -16.50 0.78
C SER B 332 38.77 -17.85 0.55
N ARG B 333 39.83 -18.13 1.29
CA ARG B 333 40.26 -19.50 1.54
C ARG B 333 39.63 -19.81 2.89
N ALA B 334 38.30 -19.79 2.94
CA ALA B 334 37.59 -19.66 4.21
C ALA B 334 36.89 -20.94 4.63
N GLU B 335 37.65 -21.91 5.14
CA GLU B 335 37.01 -23.06 5.75
C GLU B 335 36.15 -22.52 6.89
N TRP B 336 34.86 -22.85 6.82
CA TRP B 336 33.83 -22.29 7.69
C TRP B 336 34.16 -22.44 9.18
N LEU B 337 34.37 -23.68 9.63
CA LEU B 337 34.52 -23.93 11.07
C LEU B 337 35.81 -23.33 11.66
N PRO B 338 36.96 -23.47 10.95
CA PRO B 338 38.17 -22.78 11.39
C PRO B 338 38.08 -21.26 11.34
N ALA B 339 37.40 -20.72 10.31
CA ALA B 339 37.15 -19.29 10.26
C ALA B 339 36.39 -18.85 11.50
N TRP B 340 35.35 -19.60 11.88
CA TRP B 340 34.59 -19.30 13.09
C TRP B 340 35.45 -19.42 14.35
N GLU B 341 36.27 -20.46 14.42
CA GLU B 341 37.12 -20.68 15.58
C GLU B 341 38.10 -19.53 15.79
N GLU B 342 38.76 -19.09 14.72
CA GLU B 342 39.67 -17.96 14.78
C GLU B 342 38.91 -16.66 15.08
N GLY B 343 37.74 -16.50 14.49
CA GLY B 343 36.91 -15.32 14.75
C GLY B 343 36.55 -15.24 16.22
N LEU B 344 36.13 -16.36 16.81
CA LEU B 344 35.77 -16.38 18.23
C LEU B 344 36.97 -16.05 19.12
N ARG B 345 38.13 -16.61 18.78
CA ARG B 345 39.35 -16.39 19.54
C ARG B 345 39.76 -14.90 19.47
N ARG B 346 39.73 -14.35 18.26
CA ARG B 346 40.10 -12.97 18.04
C ARG B 346 39.16 -12.03 18.81
N ALA B 347 37.88 -12.30 18.81
CA ALA B 347 36.95 -11.43 19.52
C ALA B 347 37.19 -11.48 21.03
N SER B 348 37.42 -12.71 21.55
CA SER B 348 37.65 -12.90 22.99
C SER B 348 38.91 -12.18 23.43
N ALA B 349 39.96 -12.35 22.65
CA ALA B 349 41.25 -11.71 22.92
C ALA B 349 41.11 -10.20 22.88
N ALA B 350 40.34 -9.69 21.93
CA ALA B 350 40.18 -8.25 21.81
C ALA B 350 39.61 -7.68 23.10
N ILE B 351 38.68 -8.40 23.74
CA ILE B 351 38.17 -7.96 25.04
C ILE B 351 39.23 -8.19 26.14
N ASP B 352 39.80 -9.38 26.19
CA ASP B 352 40.55 -9.76 27.39
C ASP B 352 41.94 -9.13 27.48
N THR B 353 42.47 -8.68 26.35
CA THR B 353 43.71 -7.90 26.34
C THR B 353 43.49 -6.46 26.77
N GLY B 354 42.23 -6.04 26.87
CA GLY B 354 41.88 -4.66 27.10
C GLY B 354 41.71 -3.83 25.83
N ALA B 355 42.02 -4.40 24.66
CA ALA B 355 42.00 -3.64 23.41
C ALA B 355 40.64 -3.01 23.11
N ALA B 356 39.55 -3.71 23.44
CA ALA B 356 38.21 -3.19 23.14
C ALA B 356 37.86 -2.00 24.02
N GLU B 357 38.14 -2.13 25.31
CA GLU B 357 37.91 -1.03 26.24
C GLU B 357 38.78 0.16 25.84
N GLN B 358 40.04 -0.11 25.50
CA GLN B 358 40.97 0.92 25.03
C GLN B 358 40.50 1.58 23.75
N LEU B 359 39.90 0.79 22.84
CA LEU B 359 39.45 1.37 21.57
C LEU B 359 38.27 2.33 21.80
N LEU B 360 37.33 1.95 22.64
CA LEU B 360 36.25 2.85 22.94
C LEU B 360 36.78 4.19 23.52
N ALA B 361 37.75 4.10 24.44
CA ALA B 361 38.36 5.31 25.03
C ALA B 361 39.04 6.14 23.96
N ARG B 362 39.76 5.50 23.04
CA ARG B 362 40.38 6.24 21.91
C ARG B 362 39.35 6.94 21.03
N TRP B 363 38.23 6.28 20.82
CA TRP B 363 37.16 6.81 20.01
C TRP B 363 36.53 8.04 20.68
N VAL B 364 36.28 7.95 21.98
CA VAL B 364 35.77 9.09 22.76
C VAL B 364 36.77 10.25 22.74
N ARG B 365 38.06 9.95 22.98
CA ARG B 365 39.15 10.92 22.88
C ARG B 365 39.20 11.63 21.53
N PHE B 366 39.08 10.87 20.44
CA PHE B 366 39.07 11.47 19.11
C PHE B 366 37.95 12.52 18.95
N GLY B 367 36.74 12.16 19.38
CA GLY B 367 35.62 13.08 19.31
C GLY B 367 35.87 14.34 20.13
N ARG B 368 36.44 14.20 21.33
CA ARG B 368 36.73 15.36 22.21
C ARG B 368 37.81 16.29 21.65
N GLN B 369 38.68 15.77 20.80
CA GLN B 369 39.73 16.57 20.14
C GLN B 369 39.21 17.52 19.04
N ILE B 370 38.00 17.29 18.56
CA ILE B 370 37.47 18.04 17.42
C ILE B 370 37.34 19.54 17.73
N LEU B 371 36.81 19.87 18.91
CA LEU B 371 36.62 21.28 19.31
C LEU B 371 37.85 22.15 19.03
#